data_8YJ8
#
_entry.id   8YJ8
#
_cell.length_a   292.931
_cell.length_b   58.083
_cell.length_c   50.760
_cell.angle_alpha   90.000
_cell.angle_beta   91.240
_cell.angle_gamma   90.000
#
_symmetry.space_group_name_H-M   'C 1 2 1'
#
loop_
_entity.id
_entity.type
_entity.pdbx_description
1 polymer 'Iron ABC transporter substrate-binding lipoprotein MtsA'
2 polymer VHH43
3 non-polymer 'ZINC ION'
4 water water
#
loop_
_entity_poly.entity_id
_entity_poly.type
_entity_poly.pdbx_seq_one_letter_code
_entity_poly.pdbx_strand_id
1 'polypeptide(L)'
;SDKLKVVATNSIIADMTKAIAGDKIDLHSIVPIGQDPHEYEPLPEDVEKTSNADVIFYNGINLEDGGQAWFTKLVKNAQK
TKNKDYFAVSDGIDVIYLEGASEKGKEDPHAWLNLENGIIYSKNIAKQLIAKDPKNKETYEKNLKAYVAKLEKLDKEAKS
KFDAIAENKKLIVTSEGCFKYFSKAYGVPSAYIWEINTEEEGTPDQISSLIEKLKVIKPSALFVESSVDRRPMETVSKDS
GIPIYSEIFTDSIAKKGKPGDSYYAMMKWNLDKISEGLAK
;
A,B
2 'polypeptide(L)'
;EVQLVESGGGLVQPGGSLRLSCAASGFTLDNYAIGWFRQAPGKEREGVSCIGLSAVTTYDTDSVKGRFTISRDSARNTVY
LQMNSLRPEDTAVYFCAAFPYSDYCPDSDDFLQHRGHGTQVTVSSAAGHHHHHH
;
C,D
#
loop_
_chem_comp.id
_chem_comp.type
_chem_comp.name
_chem_comp.formula
ZN non-polymer 'ZINC ION' 'Zn 2'
#
# COMPACT_ATOMS: atom_id res chain seq x y z
N SER A 1 -12.81 -5.47 41.33
CA SER A 1 -14.11 -4.81 41.50
C SER A 1 -15.06 -5.15 40.35
N ASP A 2 -16.36 -5.14 40.65
CA ASP A 2 -17.39 -5.50 39.68
C ASP A 2 -17.97 -4.22 39.09
N LYS A 3 -17.40 -3.78 37.98
CA LYS A 3 -17.75 -2.50 37.38
C LYS A 3 -19.17 -2.52 36.81
N LEU A 4 -19.75 -1.33 36.71
CA LEU A 4 -21.05 -1.17 36.07
C LEU A 4 -20.94 -1.48 34.58
N LYS A 5 -21.88 -2.26 34.06
CA LYS A 5 -21.88 -2.59 32.64
C LYS A 5 -22.81 -1.62 31.92
N VAL A 6 -22.23 -0.80 31.05
CA VAL A 6 -22.96 0.25 30.34
C VAL A 6 -22.95 -0.06 28.85
N VAL A 7 -24.07 0.17 28.18
CA VAL A 7 -24.12 0.09 26.73
C VAL A 7 -24.66 1.42 26.20
N ALA A 8 -23.98 1.98 25.22
CA ALA A 8 -24.44 3.20 24.55
C ALA A 8 -24.65 2.87 23.08
N THR A 9 -25.65 3.51 22.47
CA THR A 9 -25.99 3.14 21.10
C THR A 9 -24.97 3.62 20.07
N ASN A 10 -24.30 4.74 20.30
CA ASN A 10 -23.34 5.22 19.29
C ASN A 10 -22.14 5.86 19.97
N SER A 11 -21.16 6.22 19.14
CA SER A 11 -19.89 6.66 19.67
C SER A 11 -19.96 8.05 20.31
N ILE A 12 -20.92 8.89 19.90
CA ILE A 12 -21.07 10.19 20.55
C ILE A 12 -21.47 9.99 22.00
N ILE A 13 -22.56 9.25 22.22
CA ILE A 13 -23.05 9.02 23.57
C ILE A 13 -22.02 8.24 24.38
N ALA A 14 -21.34 7.28 23.74
CA ALA A 14 -20.30 6.53 24.44
C ALA A 14 -19.19 7.44 24.90
N ASP A 15 -18.81 8.41 24.07
CA ASP A 15 -17.73 9.30 24.46
C ASP A 15 -18.15 10.21 25.61
N MET A 16 -19.40 10.70 25.59
CA MET A 16 -19.84 11.50 26.72
C MET A 16 -19.85 10.70 28.00
N THR A 17 -20.27 9.43 27.92
CA THR A 17 -20.20 8.55 29.08
C THR A 17 -18.76 8.41 29.55
N LYS A 18 -17.84 8.20 28.62
CA LYS A 18 -16.42 8.09 28.95
C LYS A 18 -15.91 9.35 29.61
N ALA A 19 -16.38 10.52 29.17
CA ALA A 19 -15.96 11.76 29.81
C ALA A 19 -16.44 11.85 31.26
N ILE A 20 -17.56 11.20 31.60
CA ILE A 20 -18.07 11.25 32.97
C ILE A 20 -17.47 10.15 33.83
N ALA A 21 -17.29 8.96 33.26
CA ALA A 21 -16.96 7.76 34.03
C ALA A 21 -15.48 7.41 34.07
N GLY A 22 -14.69 7.92 33.13
CA GLY A 22 -13.30 7.52 33.07
C GLY A 22 -13.19 6.02 32.89
N ASP A 23 -12.31 5.39 33.65
CA ASP A 23 -12.10 3.94 33.58
C ASP A 23 -12.90 3.17 34.61
N LYS A 24 -13.90 3.81 35.24
CA LYS A 24 -14.65 3.18 36.32
C LYS A 24 -15.71 2.20 35.85
N ILE A 25 -16.07 2.18 34.57
CA ILE A 25 -17.15 1.35 34.10
C ILE A 25 -16.66 0.41 33.01
N ASP A 26 -17.53 -0.53 32.63
CA ASP A 26 -17.35 -1.40 31.48
C ASP A 26 -18.32 -0.92 30.40
N LEU A 27 -17.79 -0.32 29.34
CA LEU A 27 -18.58 0.43 28.38
C LEU A 27 -18.53 -0.23 27.01
N HIS A 28 -19.70 -0.47 26.43
CA HIS A 28 -19.81 -0.98 25.06
C HIS A 28 -20.63 -0.02 24.21
N SER A 29 -20.14 0.28 23.01
CA SER A 29 -20.79 1.13 22.02
C SER A 29 -21.21 0.31 20.81
N ILE A 30 -22.48 0.43 20.40
CA ILE A 30 -23.03 -0.48 19.40
C ILE A 30 -22.61 -0.08 17.99
N VAL A 31 -22.99 1.14 17.56
CA VAL A 31 -22.73 1.55 16.18
C VAL A 31 -21.24 1.86 16.04
N PRO A 32 -20.53 1.23 15.12
CA PRO A 32 -19.08 1.47 15.02
C PRO A 32 -18.80 2.87 14.53
N ILE A 33 -17.59 3.33 14.87
CA ILE A 33 -17.06 4.61 14.39
C ILE A 33 -17.26 4.72 12.89
N GLY A 34 -17.76 5.88 12.45
CA GLY A 34 -17.87 6.17 11.03
C GLY A 34 -19.11 5.64 10.36
N GLN A 35 -19.93 4.87 11.08
CA GLN A 35 -21.15 4.27 10.54
C GLN A 35 -22.36 5.11 10.93
N ASP A 36 -23.41 5.00 10.10
CA ASP A 36 -24.66 5.71 10.35
C ASP A 36 -25.37 5.12 11.56
N PRO A 37 -25.76 5.94 12.54
CA PRO A 37 -26.45 5.43 13.73
C PRO A 37 -27.97 5.43 13.64
N HIS A 38 -28.54 5.88 12.53
CA HIS A 38 -30.00 5.93 12.36
C HIS A 38 -30.55 4.55 12.04
N GLU A 39 -29.81 3.77 11.26
CA GLU A 39 -30.23 2.42 10.88
C GLU A 39 -29.02 1.49 10.91
N TYR A 40 -29.05 0.52 11.81
CA TYR A 40 -27.91 -0.36 12.01
C TYR A 40 -28.44 -1.71 12.46
N GLU A 41 -27.80 -2.79 11.99
CA GLU A 41 -28.15 -4.12 12.43
C GLU A 41 -27.24 -4.53 13.56
N PRO A 42 -27.72 -4.59 14.80
CA PRO A 42 -26.86 -5.06 15.88
C PRO A 42 -26.30 -6.45 15.58
N LEU A 43 -25.06 -6.65 16.01
CA LEU A 43 -24.38 -7.94 15.91
C LEU A 43 -24.66 -8.79 17.14
N PRO A 44 -24.39 -10.11 17.07
CA PRO A 44 -24.57 -10.95 18.27
C PRO A 44 -23.88 -10.42 19.51
N GLU A 45 -22.66 -9.88 19.38
CA GLU A 45 -22.01 -9.24 20.54
C GLU A 45 -22.83 -8.07 21.07
N ASP A 46 -23.44 -7.30 20.18
CA ASP A 46 -24.27 -6.17 20.59
C ASP A 46 -25.51 -6.64 21.34
N VAL A 47 -26.22 -7.63 20.78
CA VAL A 47 -27.40 -8.16 21.46
C VAL A 47 -27.02 -8.73 22.82
N GLU A 48 -25.90 -9.47 22.87
CA GLU A 48 -25.43 -10.03 24.13
C GLU A 48 -25.08 -8.94 25.14
N LYS A 49 -24.30 -7.94 24.71
CA LYS A 49 -23.92 -6.88 25.63
C LYS A 49 -25.15 -6.14 26.14
N THR A 50 -26.15 -5.94 25.28
CA THR A 50 -27.36 -5.23 25.69
C THR A 50 -28.13 -6.03 26.74
N SER A 51 -28.20 -7.36 26.58
CA SER A 51 -28.93 -8.18 27.54
C SER A 51 -28.29 -8.13 28.93
N ASN A 52 -26.96 -8.14 28.98
CA ASN A 52 -26.24 -8.17 30.25
C ASN A 52 -26.02 -6.79 30.85
N ALA A 53 -26.37 -5.72 30.15
CA ALA A 53 -26.03 -4.39 30.63
C ALA A 53 -26.78 -4.04 31.91
N ASP A 54 -26.15 -3.20 32.72
CA ASP A 54 -26.80 -2.61 33.88
C ASP A 54 -27.55 -1.33 33.53
N VAL A 55 -27.09 -0.61 32.50
CA VAL A 55 -27.77 0.59 32.04
C VAL A 55 -27.44 0.78 30.57
N ILE A 56 -28.44 1.22 29.82
CA ILE A 56 -28.36 1.40 28.37
C ILE A 56 -28.70 2.85 28.08
N PHE A 57 -27.86 3.52 27.29
CA PHE A 57 -28.10 4.90 26.88
C PHE A 57 -28.35 4.98 25.38
N TYR A 58 -29.39 5.71 24.98
CA TYR A 58 -29.66 5.94 23.57
C TYR A 58 -30.02 7.40 23.38
N ASN A 59 -30.03 7.83 22.13
CA ASN A 59 -30.27 9.24 21.84
C ASN A 59 -31.72 9.59 22.05
N GLY A 60 -32.61 8.81 21.46
CA GLY A 60 -34.02 9.15 21.45
C GLY A 60 -34.29 10.15 20.33
N ILE A 61 -35.41 10.85 20.47
CA ILE A 61 -35.89 11.85 19.53
C ILE A 61 -35.64 11.47 18.08
N ASN A 62 -36.01 10.25 17.71
CA ASN A 62 -36.06 9.79 16.32
C ASN A 62 -34.65 9.61 15.72
N LEU A 63 -33.68 9.23 16.53
CA LEU A 63 -32.40 8.77 15.97
C LEU A 63 -32.43 7.27 15.71
N GLU A 64 -32.68 6.47 16.75
CA GLU A 64 -32.59 5.03 16.59
C GLU A 64 -33.87 4.36 17.12
N ASP A 65 -34.88 5.15 17.49
CA ASP A 65 -36.07 4.65 18.16
C ASP A 65 -37.32 4.90 17.32
N GLY A 66 -38.45 4.39 17.79
CA GLY A 66 -39.69 4.49 17.03
C GLY A 66 -40.07 3.14 16.44
N GLY A 67 -41.23 3.14 15.77
CA GLY A 67 -41.76 1.90 15.23
C GLY A 67 -40.81 1.20 14.28
N GLN A 68 -40.53 -0.08 14.55
CA GLN A 68 -39.65 -0.91 13.73
C GLN A 68 -38.24 -0.34 13.60
N ALA A 69 -37.87 0.61 14.45
CA ALA A 69 -36.49 1.11 14.44
C ALA A 69 -35.58 0.13 15.17
N TRP A 70 -34.29 0.23 14.88
CA TRP A 70 -33.39 -0.86 15.27
C TRP A 70 -33.25 -0.94 16.78
N PHE A 71 -33.19 0.19 17.48
CA PHE A 71 -33.00 0.12 18.92
C PHE A 71 -34.27 -0.36 19.62
N THR A 72 -35.41 0.14 19.17
CA THR A 72 -36.69 -0.31 19.71
C THR A 72 -36.79 -1.83 19.66
N LYS A 73 -36.52 -2.44 18.50
CA LYS A 73 -36.52 -3.90 18.43
C LYS A 73 -35.53 -4.48 19.43
N LEU A 74 -34.32 -3.90 19.52
CA LEU A 74 -33.29 -4.44 20.39
C LEU A 74 -33.74 -4.53 21.84
N VAL A 75 -34.30 -3.45 22.38
CA VAL A 75 -34.61 -3.47 23.81
C VAL A 75 -35.91 -4.24 24.06
N LYS A 76 -36.82 -4.27 23.08
CA LYS A 76 -38.01 -5.08 23.25
C LYS A 76 -37.68 -6.57 23.25
N ASN A 77 -36.78 -7.02 22.35
CA ASN A 77 -36.38 -8.43 22.40
C ASN A 77 -35.63 -8.78 23.68
N ALA A 78 -34.87 -7.83 24.24
CA ALA A 78 -34.14 -8.11 25.48
C ALA A 78 -35.00 -7.95 26.71
N GLN A 79 -36.29 -7.64 26.55
CA GLN A 79 -37.22 -7.48 27.66
C GLN A 79 -36.76 -6.38 28.63
N LYS A 80 -36.29 -5.26 28.09
CA LYS A 80 -35.83 -4.14 28.91
C LYS A 80 -36.96 -3.13 29.14
N THR A 81 -36.83 -2.36 30.21
CA THR A 81 -37.86 -1.41 30.63
C THR A 81 -37.36 0.02 30.49
N LYS A 82 -38.16 0.87 29.84
CA LYS A 82 -37.75 2.27 29.68
C LYS A 82 -37.69 2.95 31.04
N ASN A 83 -36.61 3.72 31.26
CA ASN A 83 -36.38 4.51 32.46
C ASN A 83 -36.15 3.65 33.68
N LYS A 84 -35.90 2.36 33.48
CA LYS A 84 -35.33 1.47 34.47
C LYS A 84 -34.06 0.84 33.92
N ASP A 85 -34.12 0.30 32.71
CA ASP A 85 -32.96 -0.28 32.05
C ASP A 85 -32.33 0.67 31.03
N TYR A 86 -33.14 1.39 30.26
CA TYR A 86 -32.63 2.21 29.17
C TYR A 86 -33.17 3.63 29.25
N PHE A 87 -32.34 4.59 28.87
CA PHE A 87 -32.62 5.99 29.09
C PHE A 87 -32.24 6.79 27.86
N ALA A 88 -33.14 7.70 27.47
CA ALA A 88 -32.91 8.63 26.37
C ALA A 88 -32.11 9.81 26.91
N VAL A 89 -30.86 9.98 26.43
CA VAL A 89 -30.05 11.04 27.01
C VAL A 89 -30.50 12.42 26.55
N SER A 90 -31.37 12.52 25.55
CA SER A 90 -31.93 13.78 25.08
C SER A 90 -33.11 14.29 25.92
N ASP A 91 -33.58 13.54 26.92
CA ASP A 91 -34.68 14.01 27.77
C ASP A 91 -34.35 15.39 28.35
N GLY A 92 -35.20 16.38 28.04
CA GLY A 92 -35.02 17.73 28.56
C GLY A 92 -34.60 18.74 27.53
N ILE A 93 -34.17 18.32 26.34
CA ILE A 93 -33.82 19.31 25.31
C ILE A 93 -35.07 19.85 24.66
N ASP A 94 -34.94 21.02 24.04
CA ASP A 94 -36.03 21.64 23.30
C ASP A 94 -35.99 21.07 21.88
N VAL A 95 -36.95 20.20 21.55
CA VAL A 95 -36.84 19.45 20.31
C VAL A 95 -37.17 20.36 19.12
N ILE A 96 -36.48 20.13 18.02
CA ILE A 96 -36.74 20.74 16.73
C ILE A 96 -37.26 19.64 15.81
N TYR A 97 -38.21 19.97 14.93
CA TYR A 97 -38.86 18.95 14.10
C TYR A 97 -38.35 18.99 12.66
N LEU A 98 -38.41 17.83 12.01
CA LEU A 98 -38.15 17.72 10.58
C LEU A 98 -39.16 18.56 9.80
N GLU A 99 -38.69 19.16 8.70
CA GLU A 99 -39.50 20.09 7.94
C GLU A 99 -40.08 19.49 6.66
N GLY A 100 -39.47 18.43 6.13
CA GLY A 100 -39.98 17.85 4.90
C GLY A 100 -41.36 17.26 5.10
N ALA A 101 -42.20 17.37 4.06
CA ALA A 101 -43.59 16.94 4.22
C ALA A 101 -43.68 15.45 4.44
N SER A 102 -42.82 14.68 3.78
CA SER A 102 -42.85 13.23 3.95
C SER A 102 -42.54 12.80 5.38
N GLU A 103 -41.82 13.63 6.15
CA GLU A 103 -41.44 13.26 7.52
C GLU A 103 -42.55 13.52 8.53
N LYS A 104 -43.68 14.10 8.11
CA LYS A 104 -44.90 14.20 8.92
C LYS A 104 -44.64 14.71 10.34
N GLY A 105 -43.78 15.72 10.45
CA GLY A 105 -43.62 16.36 11.75
C GLY A 105 -42.83 15.56 12.77
N LYS A 106 -42.06 14.57 12.33
CA LYS A 106 -41.23 13.79 13.25
C LYS A 106 -40.07 14.63 13.77
N GLU A 107 -39.50 14.20 14.90
CA GLU A 107 -38.43 14.94 15.54
C GLU A 107 -37.12 14.83 14.75
N ASP A 108 -36.33 15.91 14.77
CA ASP A 108 -34.97 15.87 14.26
C ASP A 108 -34.03 15.47 15.40
N PRO A 109 -33.25 14.39 15.24
CA PRO A 109 -32.52 13.83 16.39
C PRO A 109 -31.22 14.52 16.74
N HIS A 110 -30.73 15.45 15.93
CA HIS A 110 -29.32 15.86 15.99
C HIS A 110 -29.07 16.95 17.03
N ALA A 111 -29.62 16.75 18.23
CA ALA A 111 -29.59 17.78 19.25
C ALA A 111 -28.17 18.11 19.71
N TRP A 112 -27.26 17.13 19.64
CA TRP A 112 -25.95 17.31 20.24
C TRP A 112 -25.07 18.32 19.51
N LEU A 113 -25.43 18.75 18.28
CA LEU A 113 -24.59 19.76 17.67
C LEU A 113 -24.80 21.15 18.30
N ASN A 114 -25.72 21.28 19.26
CA ASN A 114 -25.79 22.43 20.15
C ASN A 114 -25.11 22.00 21.46
N LEU A 115 -24.01 22.68 21.81
CA LEU A 115 -23.21 22.28 22.97
C LEU A 115 -24.01 22.33 24.27
N GLU A 116 -24.99 23.24 24.37
CA GLU A 116 -25.89 23.26 25.52
C GLU A 116 -26.71 21.98 25.62
N ASN A 117 -27.05 21.37 24.50
CA ASN A 117 -27.70 20.06 24.54
C ASN A 117 -26.71 18.97 24.90
N GLY A 118 -25.46 19.08 24.46
CA GLY A 118 -24.45 18.15 24.94
C GLY A 118 -24.32 18.18 26.45
N ILE A 119 -24.46 19.36 27.05
CA ILE A 119 -24.45 19.46 28.50
C ILE A 119 -25.65 18.74 29.10
N ILE A 120 -26.84 18.91 28.50
CA ILE A 120 -28.01 18.17 28.99
C ILE A 120 -27.81 16.67 28.87
N TYR A 121 -27.28 16.20 27.74
CA TYR A 121 -27.00 14.77 27.59
C TYR A 121 -26.09 14.28 28.71
N SER A 122 -25.03 15.03 28.99
CA SER A 122 -24.04 14.60 29.97
C SER A 122 -24.62 14.56 31.38
N LYS A 123 -25.52 15.50 31.69
CA LYS A 123 -26.16 15.51 33.00
C LYS A 123 -27.08 14.31 33.16
N ASN A 124 -27.79 13.95 32.10
CA ASN A 124 -28.64 12.76 32.14
C ASN A 124 -27.80 11.50 32.32
N ILE A 125 -26.64 11.44 31.66
CA ILE A 125 -25.80 10.25 31.80
C ILE A 125 -25.28 10.14 33.23
N ALA A 126 -24.75 11.24 33.77
CA ALA A 126 -24.19 11.22 35.12
C ALA A 126 -25.26 10.85 36.15
N LYS A 127 -26.48 11.36 35.96
CA LYS A 127 -27.56 11.02 36.87
C LYS A 127 -27.73 9.50 36.97
N GLN A 128 -27.80 8.82 35.84
CA GLN A 128 -28.02 7.37 35.89
C GLN A 128 -26.76 6.61 36.30
N LEU A 129 -25.57 7.11 35.98
CA LEU A 129 -24.35 6.48 36.48
C LEU A 129 -24.30 6.53 38.00
N ILE A 130 -24.65 7.68 38.58
CA ILE A 130 -24.61 7.80 40.04
C ILE A 130 -25.69 6.94 40.68
N ALA A 131 -26.89 6.94 40.09
CA ALA A 131 -28.01 6.20 40.66
C ALA A 131 -27.77 4.70 40.67
N LYS A 132 -27.03 4.17 39.70
CA LYS A 132 -26.81 2.73 39.61
C LYS A 132 -25.43 2.29 40.13
N ASP A 133 -24.50 3.22 40.30
CA ASP A 133 -23.15 2.90 40.80
C ASP A 133 -22.75 3.98 41.79
N PRO A 134 -23.40 4.02 42.96
CA PRO A 134 -23.08 5.09 43.94
C PRO A 134 -21.67 5.04 44.48
N LYS A 135 -20.99 3.90 44.39
CA LYS A 135 -19.63 3.80 44.92
C LYS A 135 -18.67 4.74 44.19
N ASN A 136 -18.95 5.05 42.92
CA ASN A 136 -18.11 5.94 42.14
C ASN A 136 -18.73 7.33 41.97
N LYS A 137 -19.73 7.67 42.78
CA LYS A 137 -20.45 8.93 42.63
C LYS A 137 -19.51 10.13 42.70
N GLU A 138 -18.43 10.04 43.48
CA GLU A 138 -17.51 11.16 43.62
C GLU A 138 -16.81 11.45 42.30
N THR A 139 -16.30 10.41 41.65
CA THR A 139 -15.68 10.57 40.34
C THR A 139 -16.67 11.15 39.33
N TYR A 140 -17.89 10.59 39.30
CA TYR A 140 -18.89 11.00 38.32
C TYR A 140 -19.21 12.49 38.45
N GLU A 141 -19.37 12.98 39.68
CA GLU A 141 -19.71 14.39 39.86
C GLU A 141 -18.52 15.29 39.59
N LYS A 142 -17.30 14.83 39.87
CA LYS A 142 -16.12 15.66 39.58
C LYS A 142 -15.90 15.75 38.07
N ASN A 143 -16.00 14.61 37.37
CA ASN A 143 -15.90 14.64 35.91
C ASN A 143 -17.04 15.45 35.31
N LEU A 144 -18.26 15.28 35.80
CA LEU A 144 -19.38 16.03 35.24
C LEU A 144 -19.17 17.53 35.39
N LYS A 145 -18.74 17.97 36.57
CA LYS A 145 -18.50 19.40 36.78
C LYS A 145 -17.42 19.92 35.84
N ALA A 146 -16.31 19.18 35.72
CA ALA A 146 -15.23 19.65 34.87
C ALA A 146 -15.65 19.62 33.41
N TYR A 147 -16.37 18.58 33.00
CA TYR A 147 -16.76 18.44 31.59
C TYR A 147 -17.75 19.52 31.18
N VAL A 148 -18.78 19.75 32.00
CA VAL A 148 -19.76 20.79 31.72
C VAL A 148 -19.07 22.14 31.58
N ALA A 149 -18.08 22.42 32.44
CA ALA A 149 -17.39 23.69 32.34
C ALA A 149 -16.64 23.81 31.01
N LYS A 150 -16.02 22.71 30.55
CA LYS A 150 -15.34 22.75 29.25
C LYS A 150 -16.32 22.93 28.10
N LEU A 151 -17.46 22.22 28.15
CA LEU A 151 -18.47 22.40 27.10
C LEU A 151 -19.05 23.81 27.12
N GLU A 152 -19.19 24.41 28.31
CA GLU A 152 -19.73 25.77 28.39
C GLU A 152 -18.78 26.77 27.77
N LYS A 153 -17.48 26.59 28.00
CA LYS A 153 -16.48 27.48 27.39
C LYS A 153 -16.49 27.35 25.88
N LEU A 154 -16.59 26.10 25.37
CA LEU A 154 -16.65 25.92 23.93
C LEU A 154 -17.95 26.48 23.36
N ASP A 155 -19.05 26.40 24.12
CA ASP A 155 -20.30 27.00 23.67
C ASP A 155 -20.18 28.52 23.56
N LYS A 156 -19.53 29.16 24.53
CA LYS A 156 -19.27 30.59 24.42
C LYS A 156 -18.48 30.91 23.16
N GLU A 157 -17.44 30.12 22.86
CA GLU A 157 -16.64 30.32 21.66
C GLU A 157 -17.48 30.13 20.41
N ALA A 158 -18.34 29.11 20.40
CA ALA A 158 -19.22 28.87 19.25
C ALA A 158 -20.13 30.05 18.98
N LYS A 159 -20.57 30.75 20.03
CA LYS A 159 -21.52 31.83 19.84
C LYS A 159 -20.89 33.07 19.18
N SER A 160 -19.56 33.16 19.16
CA SER A 160 -18.86 34.25 18.47
C SER A 160 -18.03 33.79 17.28
N LYS A 161 -18.11 32.50 16.91
CA LYS A 161 -17.20 31.92 15.93
C LYS A 161 -17.40 32.46 14.52
N PHE A 162 -18.59 32.97 14.19
CA PHE A 162 -18.91 33.32 12.81
C PHE A 162 -19.19 34.81 12.63
N ASP A 163 -18.79 35.64 13.60
CA ASP A 163 -19.11 37.06 13.57
C ASP A 163 -18.37 37.81 12.47
N ALA A 164 -17.31 37.24 11.92
CA ALA A 164 -16.55 37.88 10.86
C ALA A 164 -17.02 37.47 9.48
N ILE A 165 -18.00 36.59 9.38
CA ILE A 165 -18.53 36.17 8.10
C ILE A 165 -19.68 37.10 7.75
N ALA A 166 -19.75 37.52 6.49
CA ALA A 166 -20.84 38.38 6.04
C ALA A 166 -22.12 37.56 5.88
N GLU A 167 -23.23 38.07 6.40
CA GLU A 167 -24.53 37.40 6.26
C GLU A 167 -24.98 37.30 4.82
N ASN A 168 -24.07 36.85 3.95
CA ASN A 168 -24.37 36.46 2.58
C ASN A 168 -23.67 35.18 2.20
N LYS A 169 -22.63 34.79 2.92
CA LYS A 169 -21.94 33.52 2.72
C LYS A 169 -22.00 32.66 3.98
N LYS A 170 -22.88 32.99 4.93
CA LYS A 170 -23.15 32.15 6.10
C LYS A 170 -24.13 31.05 5.71
N LEU A 171 -23.59 29.97 5.16
CA LEU A 171 -24.40 28.80 4.80
C LEU A 171 -23.57 27.56 5.02
N ILE A 172 -23.95 26.76 6.01
CA ILE A 172 -23.35 25.46 6.25
C ILE A 172 -24.07 24.45 5.35
N VAL A 173 -23.32 23.84 4.43
CA VAL A 173 -23.88 22.88 3.49
C VAL A 173 -23.31 21.51 3.81
N THR A 174 -24.18 20.57 4.17
CA THR A 174 -23.79 19.20 4.44
C THR A 174 -24.72 18.26 3.67
N SER A 175 -24.36 16.97 3.64
CA SER A 175 -25.15 15.99 2.91
C SER A 175 -26.49 15.76 3.60
N GLU A 176 -26.45 15.43 4.89
CA GLU A 176 -27.64 15.26 5.71
C GLU A 176 -28.02 16.59 6.35
N GLY A 177 -29.31 16.83 6.48
CA GLY A 177 -29.80 18.03 7.14
C GLY A 177 -29.71 17.97 8.64
N CYS A 178 -28.50 17.76 9.16
CA CYS A 178 -28.27 17.45 10.56
C CYS A 178 -27.87 18.67 11.39
N PHE A 179 -27.95 19.88 10.83
CA PHE A 179 -27.43 21.06 11.53
C PHE A 179 -28.51 21.96 12.11
N LYS A 180 -29.75 21.51 12.23
CA LYS A 180 -30.80 22.42 12.69
C LYS A 180 -30.51 22.97 14.08
N TYR A 181 -29.98 22.13 14.98
CA TYR A 181 -29.77 22.63 16.33
C TYR A 181 -28.55 23.56 16.37
N PHE A 182 -27.51 23.23 15.61
CA PHE A 182 -26.35 24.10 15.45
C PHE A 182 -26.73 25.45 14.86
N SER A 183 -27.51 25.42 13.77
CA SER A 183 -27.97 26.65 13.12
C SER A 183 -28.73 27.54 14.10
N LYS A 184 -29.62 26.94 14.90
CA LYS A 184 -30.43 27.69 15.84
C LYS A 184 -29.58 28.26 16.96
N ALA A 185 -28.65 27.46 17.50
CA ALA A 185 -27.85 27.92 18.63
C ALA A 185 -26.88 29.02 18.21
N TYR A 186 -26.29 28.91 17.00
CA TYR A 186 -25.11 29.70 16.63
C TYR A 186 -25.32 30.63 15.44
N GLY A 187 -26.54 30.73 14.90
CA GLY A 187 -26.85 31.76 13.93
C GLY A 187 -26.22 31.58 12.56
N VAL A 188 -25.99 30.34 12.15
CA VAL A 188 -25.50 30.02 10.81
C VAL A 188 -26.49 29.11 10.11
N PRO A 189 -27.21 29.60 9.10
CA PRO A 189 -28.20 28.74 8.43
C PRO A 189 -27.54 27.55 7.74
N SER A 190 -28.34 26.53 7.47
CA SER A 190 -27.79 25.32 6.88
C SER A 190 -28.68 24.81 5.76
N ALA A 191 -28.06 24.05 4.86
CA ALA A 191 -28.75 23.42 3.74
C ALA A 191 -28.20 22.02 3.59
N TYR A 192 -28.92 21.18 2.84
CA TYR A 192 -28.60 19.77 2.77
C TYR A 192 -29.01 19.17 1.43
N ILE A 193 -28.52 17.96 1.19
CA ILE A 193 -29.03 17.14 0.08
C ILE A 193 -30.29 16.40 0.51
N TRP A 194 -30.17 15.53 1.51
CA TRP A 194 -31.34 14.85 2.09
C TRP A 194 -31.49 15.27 3.56
N GLU A 195 -32.74 15.30 4.04
CA GLU A 195 -32.95 15.92 5.35
C GLU A 195 -32.50 15.01 6.49
N ILE A 196 -32.72 13.71 6.36
CA ILE A 196 -32.34 12.77 7.41
C ILE A 196 -31.93 11.47 6.74
N ASN A 197 -30.96 10.79 7.34
CA ASN A 197 -30.29 9.65 6.71
C ASN A 197 -31.24 8.52 6.31
N THR A 198 -32.44 8.45 6.89
CA THR A 198 -33.33 7.33 6.55
C THR A 198 -34.04 7.52 5.22
N GLU A 199 -34.01 8.73 4.66
CA GLU A 199 -34.51 8.97 3.31
C GLU A 199 -33.51 8.44 2.29
N GLU A 200 -33.89 8.49 1.01
CA GLU A 200 -32.94 8.19 -0.05
C GLU A 200 -31.88 9.27 -0.09
N GLU A 201 -30.64 8.87 -0.37
CA GLU A 201 -29.48 9.71 -0.13
C GLU A 201 -28.81 10.08 -1.44
N GLY A 202 -29.25 11.20 -2.02
CA GLY A 202 -28.58 11.78 -3.17
C GLY A 202 -29.30 11.59 -4.49
N THR A 203 -30.63 11.75 -4.49
CA THR A 203 -31.39 11.61 -5.73
C THR A 203 -31.22 12.86 -6.60
N PRO A 204 -31.41 12.72 -7.92
CA PRO A 204 -31.33 13.88 -8.80
C PRO A 204 -32.08 15.11 -8.32
N ASP A 205 -33.30 14.94 -7.81
CA ASP A 205 -34.10 16.10 -7.40
C ASP A 205 -33.54 16.75 -6.15
N GLN A 206 -33.06 15.96 -5.19
CA GLN A 206 -32.38 16.53 -4.02
C GLN A 206 -31.17 17.36 -4.45
N ILE A 207 -30.30 16.76 -5.27
CA ILE A 207 -29.06 17.42 -5.66
C ILE A 207 -29.36 18.70 -6.46
N SER A 208 -30.41 18.67 -7.29
CA SER A 208 -30.74 19.84 -8.09
C SER A 208 -31.37 20.94 -7.25
N SER A 209 -32.21 20.55 -6.29
CA SER A 209 -32.82 21.55 -5.41
C SER A 209 -31.77 22.26 -4.57
N LEU A 210 -30.69 21.56 -4.23
CA LEU A 210 -29.59 22.19 -3.50
C LEU A 210 -28.75 23.08 -4.42
N ILE A 211 -28.48 22.60 -5.64
CA ILE A 211 -27.65 23.38 -6.57
C ILE A 211 -28.32 24.73 -6.88
N GLU A 212 -29.65 24.74 -6.96
CA GLU A 212 -30.35 26.01 -7.19
C GLU A 212 -30.16 26.95 -6.01
N LYS A 213 -30.17 26.42 -4.78
CA LYS A 213 -29.93 27.28 -3.62
C LYS A 213 -28.50 27.80 -3.61
N LEU A 214 -27.54 26.98 -4.06
CA LEU A 214 -26.16 27.41 -4.14
C LEU A 214 -25.94 28.44 -5.25
N LYS A 215 -26.97 28.78 -6.02
CA LYS A 215 -26.88 29.87 -6.99
C LYS A 215 -27.33 31.20 -6.38
N VAL A 216 -28.36 31.17 -5.53
CA VAL A 216 -28.80 32.35 -4.79
C VAL A 216 -27.78 32.65 -3.70
N ILE A 217 -27.70 31.79 -2.68
CA ILE A 217 -26.70 31.91 -1.63
C ILE A 217 -25.50 31.08 -2.02
N LYS A 218 -24.32 31.72 -2.10
CA LYS A 218 -23.13 31.08 -2.66
C LYS A 218 -21.99 31.13 -1.64
N PRO A 219 -21.83 30.08 -0.82
CA PRO A 219 -20.75 30.08 0.17
C PRO A 219 -19.43 29.66 -0.45
N SER A 220 -18.36 29.86 0.32
CA SER A 220 -17.02 29.56 -0.15
C SER A 220 -16.62 28.11 0.07
N ALA A 221 -17.48 27.28 0.64
CA ALA A 221 -17.08 25.91 0.96
C ALA A 221 -18.30 25.01 1.10
N LEU A 222 -18.06 23.73 0.85
CA LEU A 222 -18.99 22.68 1.22
C LEU A 222 -18.28 21.73 2.18
N PHE A 223 -19.05 20.96 2.93
CA PHE A 223 -18.49 20.04 3.90
C PHE A 223 -19.12 18.67 3.71
N VAL A 224 -18.38 17.63 4.08
CA VAL A 224 -18.86 16.25 3.96
C VAL A 224 -18.68 15.58 5.30
N GLU A 225 -19.72 14.91 5.76
CA GLU A 225 -19.68 14.25 7.04
C GLU A 225 -18.87 12.97 6.95
N SER A 226 -18.23 12.61 8.08
CA SER A 226 -17.39 11.43 8.14
C SER A 226 -18.17 10.14 8.02
N SER A 227 -19.50 10.21 8.16
CA SER A 227 -20.32 9.02 8.31
C SER A 227 -21.27 8.84 7.14
N VAL A 228 -21.06 9.57 6.04
CA VAL A 228 -21.90 9.45 4.87
C VAL A 228 -21.02 9.13 3.67
N ASP A 229 -21.66 8.67 2.60
CA ASP A 229 -20.97 8.53 1.33
C ASP A 229 -20.68 9.90 0.74
N ARG A 230 -19.45 10.10 0.26
CA ARG A 230 -19.05 11.40 -0.23
C ARG A 230 -19.55 11.71 -1.64
N ARG A 231 -19.95 10.69 -2.41
CA ARG A 231 -20.23 10.89 -3.83
C ARG A 231 -21.32 11.92 -4.10
N PRO A 232 -22.47 11.92 -3.40
CA PRO A 232 -23.45 12.98 -3.66
C PRO A 232 -22.92 14.39 -3.47
N MET A 233 -22.13 14.65 -2.43
CA MET A 233 -21.63 16.01 -2.25
C MET A 233 -20.52 16.35 -3.24
N GLU A 234 -19.73 15.35 -3.67
CA GLU A 234 -18.78 15.60 -4.75
C GLU A 234 -19.50 16.02 -6.02
N THR A 235 -20.64 15.39 -6.33
CA THR A 235 -21.44 15.83 -7.46
C THR A 235 -21.93 17.26 -7.25
N VAL A 236 -22.38 17.58 -6.04
CA VAL A 236 -22.78 18.95 -5.75
C VAL A 236 -21.59 19.89 -5.91
N SER A 237 -20.39 19.42 -5.55
CA SER A 237 -19.20 20.26 -5.72
C SER A 237 -18.84 20.43 -7.19
N LYS A 238 -19.11 19.43 -8.02
CA LYS A 238 -18.90 19.55 -9.46
C LYS A 238 -19.80 20.63 -10.06
N ASP A 239 -21.12 20.46 -9.89
CA ASP A 239 -22.08 21.34 -10.56
C ASP A 239 -22.09 22.76 -10.00
N SER A 240 -21.52 22.98 -8.82
CA SER A 240 -21.48 24.31 -8.23
C SER A 240 -20.11 24.97 -8.30
N GLY A 241 -19.04 24.19 -8.47
CA GLY A 241 -17.70 24.73 -8.43
C GLY A 241 -17.21 25.11 -7.05
N ILE A 242 -18.03 24.95 -6.02
CA ILE A 242 -17.63 25.24 -4.65
C ILE A 242 -16.86 24.04 -4.10
N PRO A 243 -15.71 24.24 -3.49
CA PRO A 243 -14.92 23.10 -3.01
C PRO A 243 -15.43 22.54 -1.69
N ILE A 244 -15.20 21.24 -1.52
CA ILE A 244 -15.36 20.59 -0.23
C ILE A 244 -14.15 20.96 0.62
N TYR A 245 -14.36 21.86 1.60
CA TYR A 245 -13.24 22.38 2.36
C TYR A 245 -12.66 21.36 3.33
N SER A 246 -13.53 20.60 4.01
CA SER A 246 -13.04 19.54 4.88
C SER A 246 -14.18 18.60 5.22
N GLU A 247 -13.81 17.46 5.77
CA GLU A 247 -14.82 16.64 6.40
C GLU A 247 -15.13 17.21 7.78
N ILE A 248 -16.36 16.96 8.24
CA ILE A 248 -16.83 17.39 9.54
C ILE A 248 -17.46 16.18 10.23
N PHE A 249 -17.82 16.37 11.49
CA PHE A 249 -18.28 15.27 12.33
C PHE A 249 -19.69 15.57 12.82
N THR A 250 -20.62 14.71 12.45
CA THR A 250 -22.03 14.92 12.81
C THR A 250 -22.55 13.70 13.57
N ASP A 251 -22.67 12.56 12.93
CA ASP A 251 -23.25 11.36 13.50
C ASP A 251 -22.24 10.41 14.14
N SER A 252 -20.94 10.69 14.05
CA SER A 252 -19.95 9.83 14.66
C SER A 252 -18.72 10.66 15.02
N ILE A 253 -18.02 10.27 16.08
CA ILE A 253 -16.68 10.79 16.33
C ILE A 253 -15.69 10.02 15.45
N ALA A 254 -14.44 10.45 15.42
CA ALA A 254 -13.38 9.72 14.73
C ALA A 254 -12.72 8.70 15.63
N LYS A 255 -11.86 7.87 15.02
CA LYS A 255 -11.06 6.92 15.77
C LYS A 255 -10.06 7.62 16.69
N LYS A 256 -9.77 7.00 17.84
CA LYS A 256 -8.83 7.45 18.86
C LYS A 256 -7.55 7.99 18.25
N GLY A 257 -7.20 9.23 18.58
CA GLY A 257 -5.95 9.83 18.13
C GLY A 257 -6.02 10.52 16.79
N LYS A 258 -7.14 10.40 16.08
CA LYS A 258 -7.38 11.21 14.88
C LYS A 258 -8.14 12.47 15.24
N PRO A 259 -8.13 13.48 14.38
CA PRO A 259 -8.90 14.70 14.65
C PRO A 259 -10.37 14.37 14.85
N GLY A 260 -10.96 14.94 15.89
CA GLY A 260 -12.39 14.76 16.12
C GLY A 260 -12.74 13.47 16.82
N ASP A 261 -11.84 12.92 17.62
CA ASP A 261 -12.00 11.62 18.25
C ASP A 261 -12.73 11.68 19.59
N SER A 262 -13.48 12.74 19.86
CA SER A 262 -14.34 12.80 21.03
C SER A 262 -15.44 13.81 20.73
N TYR A 263 -16.47 13.84 21.57
CA TYR A 263 -17.50 14.86 21.42
C TYR A 263 -16.89 16.26 21.50
N TYR A 264 -16.07 16.53 22.53
CA TYR A 264 -15.44 17.83 22.64
C TYR A 264 -14.59 18.11 21.41
N ALA A 265 -13.74 17.16 21.01
CA ALA A 265 -12.81 17.40 19.92
C ALA A 265 -13.54 17.55 18.59
N MET A 266 -14.63 16.80 18.39
CA MET A 266 -15.30 16.90 17.11
C MET A 266 -15.99 18.25 16.99
N MET A 267 -16.45 18.82 18.11
CA MET A 267 -17.11 20.12 18.09
C MET A 267 -16.10 21.26 17.92
N LYS A 268 -14.94 21.16 18.57
CA LYS A 268 -13.86 22.14 18.33
C LYS A 268 -13.39 22.08 16.87
N TRP A 269 -13.17 20.86 16.35
CA TRP A 269 -12.87 20.70 14.92
C TRP A 269 -13.95 21.34 14.05
N ASN A 270 -15.22 21.00 14.31
CA ASN A 270 -16.28 21.57 13.47
C ASN A 270 -16.27 23.09 13.52
N LEU A 271 -16.13 23.68 14.71
CA LEU A 271 -16.17 25.12 14.82
C LEU A 271 -15.02 25.77 14.05
N ASP A 272 -13.81 25.21 14.19
CA ASP A 272 -12.65 25.77 13.49
C ASP A 272 -12.76 25.57 11.98
N LYS A 273 -13.03 24.34 11.53
CA LYS A 273 -13.01 24.07 10.10
C LYS A 273 -14.16 24.77 9.37
N ILE A 274 -15.35 24.84 9.99
CA ILE A 274 -16.47 25.48 9.31
C ILE A 274 -16.24 26.99 9.18
N SER A 275 -15.72 27.64 10.22
CA SER A 275 -15.51 29.08 10.15
C SER A 275 -14.36 29.44 9.20
N GLU A 276 -13.27 28.67 9.24
CA GLU A 276 -12.19 28.88 8.26
C GLU A 276 -12.66 28.62 6.84
N GLY A 277 -13.51 27.61 6.63
CA GLY A 277 -13.98 27.32 5.28
C GLY A 277 -14.89 28.39 4.72
N LEU A 278 -15.80 28.91 5.54
CA LEU A 278 -16.76 29.94 5.11
C LEU A 278 -16.12 31.31 4.92
N ALA A 279 -14.88 31.49 5.35
CA ALA A 279 -14.21 32.78 5.23
C ALA A 279 -13.33 32.85 4.00
N LYS A 280 -13.05 31.72 3.36
CA LYS A 280 -12.13 31.64 2.23
C LYS A 280 -12.70 32.31 0.97
N ASP B 2 13.26 -38.55 -5.82
CA ASP B 2 13.63 -37.34 -6.54
C ASP B 2 13.65 -36.16 -5.58
N LYS B 3 14.32 -35.08 -5.98
CA LYS B 3 14.30 -33.88 -5.15
C LYS B 3 12.90 -33.29 -5.11
N LEU B 4 12.56 -32.72 -3.95
CA LEU B 4 11.31 -31.98 -3.82
C LEU B 4 11.26 -30.88 -4.87
N LYS B 5 10.14 -30.79 -5.58
CA LYS B 5 9.95 -29.76 -6.59
C LYS B 5 9.16 -28.60 -5.97
N VAL B 6 9.78 -27.43 -5.87
CA VAL B 6 9.17 -26.29 -5.19
C VAL B 6 8.99 -25.19 -6.22
N VAL B 7 7.84 -24.50 -6.16
CA VAL B 7 7.62 -23.31 -6.96
C VAL B 7 7.34 -22.16 -6.01
N ALA B 8 8.02 -21.03 -6.23
CA ALA B 8 7.74 -19.82 -5.47
C ALA B 8 7.23 -18.74 -6.40
N THR B 9 6.31 -17.90 -5.91
CA THR B 9 5.72 -16.95 -6.85
C THR B 9 6.68 -15.84 -7.24
N ASN B 10 7.61 -15.45 -6.38
CA ASN B 10 8.51 -14.35 -6.70
C ASN B 10 9.89 -14.58 -6.08
N SER B 11 10.84 -13.71 -6.43
CA SER B 11 12.25 -13.94 -6.11
C SER B 11 12.53 -13.77 -4.61
N ILE B 12 11.72 -12.99 -3.90
CA ILE B 12 11.93 -12.83 -2.47
C ILE B 12 11.63 -14.13 -1.74
N ILE B 13 10.44 -14.68 -2.03
CA ILE B 13 10.06 -15.97 -1.46
C ILE B 13 11.04 -17.05 -1.92
N ALA B 14 11.39 -17.04 -3.21
CA ALA B 14 12.35 -18.04 -3.70
C ALA B 14 13.69 -17.95 -2.97
N ASP B 15 14.16 -16.72 -2.66
CA ASP B 15 15.43 -16.59 -1.98
C ASP B 15 15.33 -17.08 -0.54
N MET B 16 14.21 -16.79 0.14
CA MET B 16 14.06 -17.31 1.48
C MET B 16 14.09 -18.83 1.45
N THR B 17 13.48 -19.40 0.42
CA THR B 17 13.43 -20.86 0.30
C THR B 17 14.84 -21.40 0.08
N LYS B 18 15.64 -20.72 -0.75
CA LYS B 18 17.03 -21.11 -0.95
C LYS B 18 17.83 -21.04 0.36
N ALA B 19 17.58 -20.03 1.18
CA ALA B 19 18.31 -19.90 2.44
C ALA B 19 18.04 -21.06 3.38
N ILE B 20 16.83 -21.63 3.31
CA ILE B 20 16.47 -22.79 4.14
C ILE B 20 16.92 -24.09 3.49
N ALA B 21 16.73 -24.24 2.18
CA ALA B 21 16.89 -25.53 1.55
C ALA B 21 18.28 -25.75 0.97
N GLY B 22 19.05 -24.69 0.74
CA GLY B 22 20.34 -24.88 0.09
C GLY B 22 20.14 -25.54 -1.25
N ASP B 23 20.89 -26.62 -1.50
CA ASP B 23 20.83 -27.33 -2.77
C ASP B 23 20.00 -28.61 -2.71
N LYS B 24 19.13 -28.77 -1.69
CA LYS B 24 18.39 -30.02 -1.53
C LYS B 24 17.14 -30.14 -2.40
N ILE B 25 16.66 -29.05 -2.99
CA ILE B 25 15.39 -29.02 -3.70
C ILE B 25 15.62 -28.62 -5.15
N ASP B 26 14.59 -28.84 -5.98
CA ASP B 26 14.48 -28.24 -7.31
C ASP B 26 13.51 -27.07 -7.22
N LEU B 27 14.02 -25.85 -7.37
CA LEU B 27 13.24 -24.64 -7.12
C LEU B 27 13.06 -23.83 -8.39
N HIS B 28 11.84 -23.35 -8.62
CA HIS B 28 11.51 -22.45 -9.72
C HIS B 28 10.79 -21.23 -9.16
N SER B 29 11.14 -20.04 -9.67
CA SER B 29 10.51 -18.79 -9.27
C SER B 29 9.77 -18.23 -10.48
N ILE B 30 8.50 -17.84 -10.29
CA ILE B 30 7.68 -17.45 -11.42
C ILE B 30 8.00 -16.02 -11.87
N VAL B 31 7.88 -15.04 -10.96
CA VAL B 31 8.00 -13.65 -11.39
C VAL B 31 9.48 -13.35 -11.56
N PRO B 32 9.90 -12.90 -12.73
CA PRO B 32 11.34 -12.65 -12.96
C PRO B 32 11.86 -11.53 -12.08
N ILE B 33 13.18 -11.60 -11.83
CA ILE B 33 13.85 -10.59 -11.05
C ILE B 33 13.61 -9.23 -11.71
N GLY B 34 13.35 -8.22 -10.89
CA GLY B 34 13.13 -6.87 -11.37
C GLY B 34 11.72 -6.55 -11.80
N GLN B 35 10.79 -7.49 -11.69
CA GLN B 35 9.44 -7.30 -12.16
C GLN B 35 8.47 -7.25 -11.00
N ASP B 36 7.42 -6.46 -11.21
CA ASP B 36 6.28 -6.37 -10.30
C ASP B 36 5.61 -7.72 -10.11
N PRO B 37 5.48 -8.22 -8.88
CA PRO B 37 4.80 -9.50 -8.65
C PRO B 37 3.31 -9.36 -8.38
N HIS B 38 2.76 -8.15 -8.38
CA HIS B 38 1.33 -7.97 -8.10
C HIS B 38 0.49 -8.40 -9.30
N GLU B 39 0.99 -8.13 -10.51
CA GLU B 39 0.32 -8.41 -11.77
C GLU B 39 1.31 -9.09 -12.70
N TYR B 40 1.01 -10.31 -13.13
CA TYR B 40 1.97 -11.04 -13.96
C TYR B 40 1.22 -12.10 -14.75
N GLU B 41 1.72 -12.39 -15.94
CA GLU B 41 1.15 -13.44 -16.78
C GLU B 41 2.11 -14.61 -16.88
N PRO B 42 1.85 -15.71 -16.17
CA PRO B 42 2.77 -16.86 -16.21
C PRO B 42 3.02 -17.37 -17.62
N LEU B 43 4.28 -17.70 -17.88
CA LEU B 43 4.68 -18.28 -19.16
C LEU B 43 4.41 -19.78 -19.15
N PRO B 44 4.44 -20.44 -20.31
CA PRO B 44 4.19 -21.90 -20.32
C PRO B 44 5.11 -22.68 -19.42
N GLU B 45 6.38 -22.28 -19.29
CA GLU B 45 7.26 -22.93 -18.32
C GLU B 45 6.71 -22.78 -16.90
N ASP B 46 6.20 -21.59 -16.57
CA ASP B 46 5.61 -21.39 -15.25
C ASP B 46 4.39 -22.28 -15.06
N VAL B 47 3.58 -22.41 -16.12
CA VAL B 47 2.38 -23.23 -16.04
C VAL B 47 2.73 -24.71 -15.86
N GLU B 48 3.75 -25.18 -16.58
CA GLU B 48 4.18 -26.57 -16.44
C GLU B 48 4.78 -26.81 -15.05
N LYS B 49 5.68 -25.93 -14.60
CA LYS B 49 6.32 -26.14 -13.30
C LYS B 49 5.30 -26.14 -12.18
N THR B 50 4.29 -25.28 -12.28
CA THR B 50 3.24 -25.23 -11.27
C THR B 50 2.45 -26.53 -11.26
N SER B 51 2.15 -27.06 -12.44
CA SER B 51 1.39 -28.32 -12.50
C SER B 51 2.16 -29.46 -11.85
N ASN B 52 3.48 -29.46 -11.98
CA ASN B 52 4.31 -30.55 -11.51
C ASN B 52 4.85 -30.35 -10.10
N ALA B 53 4.58 -29.21 -9.47
CA ALA B 53 5.24 -28.90 -8.21
C ALA B 53 4.73 -29.80 -7.08
N ASP B 54 5.64 -30.14 -6.17
CA ASP B 54 5.26 -30.78 -4.91
C ASP B 54 4.72 -29.75 -3.91
N VAL B 55 5.27 -28.54 -3.92
CA VAL B 55 4.76 -27.50 -3.03
C VAL B 55 4.92 -26.16 -3.73
N ILE B 56 3.95 -25.28 -3.50
CA ILE B 56 3.94 -23.94 -4.07
C ILE B 56 3.88 -22.94 -2.93
N PHE B 57 4.77 -21.94 -2.94
CA PHE B 57 4.80 -20.88 -1.93
C PHE B 57 4.41 -19.54 -2.57
N TYR B 58 3.44 -18.85 -1.98
CA TYR B 58 3.05 -17.52 -2.44
C TYR B 58 2.97 -16.59 -1.23
N ASN B 59 2.93 -15.29 -1.53
CA ASN B 59 2.91 -14.31 -0.44
C ASN B 59 1.58 -14.33 0.29
N GLY B 60 0.50 -14.25 -0.46
CA GLY B 60 -0.83 -14.05 0.12
C GLY B 60 -1.03 -12.57 0.42
N ILE B 61 -1.96 -12.32 1.35
CA ILE B 61 -2.39 -11.00 1.83
C ILE B 61 -2.41 -9.95 0.72
N ASN B 62 -3.03 -10.29 -0.41
CA ASN B 62 -3.37 -9.33 -1.46
C ASN B 62 -2.13 -8.88 -2.24
N LEU B 63 -1.11 -9.75 -2.34
CA LEU B 63 -0.01 -9.48 -3.27
C LEU B 63 -0.35 -10.01 -4.65
N GLU B 64 -0.64 -11.30 -4.74
CA GLU B 64 -0.93 -11.96 -6.01
C GLU B 64 -2.19 -12.80 -5.95
N ASP B 65 -2.89 -12.81 -4.80
CA ASP B 65 -3.96 -13.77 -4.57
C ASP B 65 -5.34 -13.15 -4.48
N GLY B 66 -5.51 -11.92 -4.95
CA GLY B 66 -6.86 -11.36 -5.05
C GLY B 66 -7.78 -12.22 -5.90
N GLY B 67 -9.08 -11.93 -5.79
CA GLY B 67 -10.07 -12.76 -6.49
C GLY B 67 -9.85 -12.80 -8.00
N GLN B 68 -9.45 -11.69 -8.60
CA GLN B 68 -9.20 -11.62 -10.03
C GLN B 68 -7.71 -11.53 -10.35
N ALA B 69 -6.86 -11.97 -9.42
CA ALA B 69 -5.41 -11.84 -9.58
C ALA B 69 -4.81 -13.10 -10.21
N TRP B 70 -3.53 -12.99 -10.58
CA TRP B 70 -2.96 -13.98 -11.49
C TRP B 70 -2.68 -15.31 -10.84
N PHE B 71 -2.32 -15.32 -9.55
CA PHE B 71 -1.98 -16.59 -8.92
C PHE B 71 -3.23 -17.40 -8.67
N THR B 72 -4.28 -16.71 -8.24
CA THR B 72 -5.60 -17.32 -8.10
C THR B 72 -5.99 -18.05 -9.38
N LYS B 73 -5.89 -17.36 -10.52
CA LYS B 73 -6.26 -17.98 -11.79
C LYS B 73 -5.35 -19.17 -12.09
N LEU B 74 -4.04 -19.03 -11.79
CA LEU B 74 -3.09 -20.10 -12.09
C LEU B 74 -3.45 -21.39 -11.36
N VAL B 75 -3.63 -21.31 -10.04
CA VAL B 75 -3.86 -22.54 -9.28
C VAL B 75 -5.28 -23.03 -9.47
N LYS B 76 -6.22 -22.15 -9.83
CA LYS B 76 -7.56 -22.61 -10.18
C LYS B 76 -7.51 -23.48 -11.44
N ASN B 77 -6.89 -22.98 -12.50
CA ASN B 77 -6.78 -23.77 -13.73
C ASN B 77 -6.08 -25.09 -13.46
N ALA B 78 -5.02 -25.08 -12.66
CA ALA B 78 -4.26 -26.27 -12.36
C ALA B 78 -4.94 -27.17 -11.33
N GLN B 79 -6.08 -26.75 -10.77
CA GLN B 79 -6.87 -27.59 -9.87
C GLN B 79 -6.09 -27.92 -8.60
N LYS B 80 -5.26 -26.99 -8.12
CA LYS B 80 -4.48 -27.16 -6.90
C LYS B 80 -5.30 -26.71 -5.70
N THR B 81 -4.86 -27.11 -4.49
CA THR B 81 -5.66 -26.80 -3.30
C THR B 81 -4.84 -26.10 -2.22
N LYS B 82 -5.46 -25.11 -1.60
CA LYS B 82 -4.82 -24.33 -0.54
C LYS B 82 -4.53 -25.19 0.66
N ASN B 83 -3.35 -25.00 1.24
CA ASN B 83 -2.83 -25.69 2.40
C ASN B 83 -2.70 -27.20 2.18
N LYS B 84 -2.66 -27.61 0.92
CA LYS B 84 -2.16 -28.93 0.52
C LYS B 84 -1.08 -28.79 -0.54
N ASP B 85 -1.40 -28.12 -1.65
CA ASP B 85 -0.43 -27.80 -2.71
C ASP B 85 0.23 -26.44 -2.49
N TYR B 86 -0.52 -25.42 -2.13
CA TYR B 86 0.06 -24.07 -2.06
C TYR B 86 -0.18 -23.43 -0.69
N PHE B 87 0.81 -22.65 -0.24
CA PHE B 87 0.86 -22.16 1.13
C PHE B 87 1.25 -20.69 1.12
N ALA B 88 0.49 -19.86 1.82
CA ALA B 88 0.79 -18.43 1.94
C ALA B 88 1.85 -18.28 3.03
N VAL B 89 3.03 -17.76 2.66
CA VAL B 89 4.10 -17.72 3.66
C VAL B 89 3.89 -16.59 4.66
N SER B 90 2.96 -15.68 4.37
CA SER B 90 2.63 -14.63 5.32
C SER B 90 1.73 -15.11 6.46
N ASP B 91 1.31 -16.36 6.49
CA ASP B 91 0.36 -16.80 7.52
C ASP B 91 0.94 -16.53 8.91
N GLY B 92 0.23 -15.76 9.73
CA GLY B 92 0.68 -15.44 11.06
C GLY B 92 1.28 -14.05 11.25
N ILE B 93 1.44 -13.28 10.20
CA ILE B 93 1.88 -11.90 10.42
C ILE B 93 0.70 -11.06 10.88
N ASP B 94 1.00 -9.95 11.53
CA ASP B 94 0.00 -8.97 11.94
C ASP B 94 -0.26 -8.06 10.74
N VAL B 95 -1.41 -8.21 10.12
CA VAL B 95 -1.64 -7.56 8.84
C VAL B 95 -1.90 -6.06 9.04
N ILE B 96 -1.42 -5.27 8.09
CA ILE B 96 -1.77 -3.85 7.96
C ILE B 96 -2.65 -3.70 6.74
N TYR B 97 -3.68 -2.86 6.84
CA TYR B 97 -4.63 -2.65 5.76
C TYR B 97 -4.31 -1.39 4.98
N LEU B 98 -4.69 -1.39 3.70
CA LEU B 98 -4.49 -0.21 2.87
C LEU B 98 -5.33 0.95 3.40
N GLU B 99 -4.89 2.17 3.14
CA GLU B 99 -5.53 3.36 3.70
C GLU B 99 -6.36 4.15 2.70
N GLY B 100 -6.15 3.94 1.40
CA GLY B 100 -6.88 4.71 0.41
C GLY B 100 -8.36 4.39 0.41
N ALA B 101 -9.18 5.41 0.16
CA ALA B 101 -10.63 5.22 0.15
C ALA B 101 -11.04 4.19 -0.89
N SER B 102 -10.41 4.21 -2.07
CA SER B 102 -10.76 3.26 -3.13
C SER B 102 -10.31 1.83 -2.82
N GLU B 103 -9.51 1.64 -1.76
CA GLU B 103 -8.98 0.32 -1.42
C GLU B 103 -9.60 -0.22 -0.14
N LYS B 104 -10.85 0.15 0.14
CA LYS B 104 -11.40 -0.01 1.48
C LYS B 104 -11.28 -1.44 1.99
N GLY B 105 -10.52 -1.59 3.08
CA GLY B 105 -10.42 -2.83 3.78
C GLY B 105 -9.39 -3.81 3.27
N LYS B 106 -8.98 -3.70 2.00
CA LYS B 106 -8.05 -4.69 1.47
C LYS B 106 -6.71 -4.63 2.20
N GLU B 107 -5.99 -5.74 2.16
CA GLU B 107 -4.75 -5.86 2.92
C GLU B 107 -3.59 -5.24 2.15
N ASP B 108 -2.62 -4.72 2.90
CA ASP B 108 -1.33 -4.32 2.35
C ASP B 108 -0.39 -5.52 2.39
N PRO B 109 0.17 -5.96 1.25
CA PRO B 109 0.91 -7.22 1.21
C PRO B 109 2.38 -7.15 1.59
N HIS B 110 2.96 -5.97 1.83
CA HIS B 110 4.43 -5.87 1.83
C HIS B 110 5.05 -6.17 3.19
N ALA B 111 4.67 -7.31 3.75
CA ALA B 111 5.02 -7.59 5.14
C ALA B 111 6.51 -7.81 5.33
N TRP B 112 7.20 -8.32 4.31
CA TRP B 112 8.59 -8.74 4.43
C TRP B 112 9.55 -7.57 4.62
N LEU B 113 9.10 -6.34 4.47
CA LEU B 113 10.03 -5.24 4.71
C LEU B 113 10.19 -4.96 6.19
N ASN B 114 9.46 -5.67 7.03
CA ASN B 114 9.76 -5.85 8.45
C ASN B 114 10.50 -7.19 8.58
N LEU B 115 11.76 -7.14 9.05
CA LEU B 115 12.59 -8.35 9.11
C LEU B 115 12.01 -9.42 10.03
N GLU B 116 11.27 -9.02 11.06
CA GLU B 116 10.60 -10.03 11.90
C GLU B 116 9.52 -10.78 11.13
N ASN B 117 8.91 -10.15 10.14
CA ASN B 117 7.99 -10.88 9.24
C ASN B 117 8.75 -11.76 8.26
N GLY B 118 9.92 -11.33 7.80
CA GLY B 118 10.78 -12.25 7.06
C GLY B 118 11.08 -13.52 7.82
N ILE B 119 11.30 -13.40 9.14
CA ILE B 119 11.47 -14.58 9.98
C ILE B 119 10.21 -15.44 9.98
N ILE B 120 9.03 -14.82 10.09
CA ILE B 120 7.80 -15.62 10.07
C ILE B 120 7.65 -16.32 8.72
N TYR B 121 7.94 -15.62 7.61
CA TYR B 121 7.90 -16.25 6.31
C TYR B 121 8.82 -17.47 6.25
N SER B 122 10.04 -17.32 6.76
CA SER B 122 11.04 -18.39 6.69
C SER B 122 10.65 -19.58 7.53
N LYS B 123 10.03 -19.33 8.69
CA LYS B 123 9.54 -20.43 9.53
C LYS B 123 8.43 -21.19 8.84
N ASN B 124 7.54 -20.49 8.13
CA ASN B 124 6.45 -21.14 7.39
C ASN B 124 6.99 -21.97 6.23
N ILE B 125 8.02 -21.46 5.55
CA ILE B 125 8.64 -22.21 4.47
C ILE B 125 9.29 -23.48 5.04
N ALA B 126 10.06 -23.33 6.11
CA ALA B 126 10.75 -24.48 6.67
C ALA B 126 9.76 -25.55 7.10
N LYS B 127 8.64 -25.10 7.68
CA LYS B 127 7.61 -26.02 8.16
C LYS B 127 7.12 -26.93 7.06
N GLN B 128 6.82 -26.36 5.90
CA GLN B 128 6.27 -27.18 4.82
C GLN B 128 7.35 -27.97 4.10
N LEU B 129 8.58 -27.45 4.03
CA LEU B 129 9.66 -28.27 3.49
C LEU B 129 9.86 -29.53 4.33
N ILE B 130 9.86 -29.36 5.65
CA ILE B 130 10.03 -30.49 6.55
C ILE B 130 8.86 -31.46 6.42
N ALA B 131 7.65 -30.94 6.27
CA ALA B 131 6.47 -31.82 6.16
C ALA B 131 6.51 -32.65 4.89
N LYS B 132 6.97 -32.06 3.79
CA LYS B 132 6.95 -32.77 2.53
C LYS B 132 8.25 -33.49 2.22
N ASP B 133 9.36 -33.15 2.88
CA ASP B 133 10.66 -33.75 2.58
C ASP B 133 11.40 -34.09 3.87
N PRO B 134 10.84 -34.99 4.68
CA PRO B 134 11.45 -35.26 5.99
C PRO B 134 12.87 -35.79 5.91
N LYS B 135 13.25 -36.44 4.80
CA LYS B 135 14.62 -36.89 4.61
C LYS B 135 15.63 -35.78 4.86
N ASN B 136 15.27 -34.53 4.55
CA ASN B 136 16.20 -33.41 4.64
C ASN B 136 15.88 -32.50 5.84
N LYS B 137 15.16 -33.02 6.84
CA LYS B 137 14.74 -32.21 7.97
C LYS B 137 15.92 -31.60 8.71
N GLU B 138 17.03 -32.33 8.81
CA GLU B 138 18.19 -31.81 9.54
C GLU B 138 18.79 -30.60 8.84
N THR B 139 18.87 -30.63 7.51
CA THR B 139 19.36 -29.47 6.77
C THR B 139 18.42 -28.28 6.95
N TYR B 140 17.12 -28.51 6.79
CA TYR B 140 16.15 -27.41 6.87
C TYR B 140 16.15 -26.77 8.25
N GLU B 141 16.14 -27.58 9.30
CA GLU B 141 16.08 -27.00 10.64
C GLU B 141 17.36 -26.27 10.97
N LYS B 142 18.51 -26.82 10.58
CA LYS B 142 19.78 -26.15 10.86
C LYS B 142 19.88 -24.84 10.09
N ASN B 143 19.51 -24.84 8.81
CA ASN B 143 19.60 -23.63 8.02
C ASN B 143 18.61 -22.57 8.54
N LEU B 144 17.42 -23.00 8.94
CA LEU B 144 16.44 -22.07 9.50
C LEU B 144 16.99 -21.39 10.74
N LYS B 145 17.60 -22.17 11.63
CA LYS B 145 18.08 -21.60 12.88
C LYS B 145 19.17 -20.57 12.63
N ALA B 146 20.10 -20.87 11.72
CA ALA B 146 21.13 -19.89 11.40
C ALA B 146 20.54 -18.68 10.68
N TYR B 147 19.64 -18.91 9.72
CA TYR B 147 19.07 -17.81 8.94
C TYR B 147 18.31 -16.86 9.84
N VAL B 148 17.46 -17.39 10.72
CA VAL B 148 16.69 -16.54 11.63
C VAL B 148 17.63 -15.72 12.52
N ALA B 149 18.74 -16.32 12.97
CA ALA B 149 19.69 -15.57 13.79
C ALA B 149 20.26 -14.38 13.02
N LYS B 150 20.57 -14.58 11.74
CA LYS B 150 21.10 -13.50 10.91
C LYS B 150 20.07 -12.39 10.72
N LEU B 151 18.82 -12.76 10.45
CA LEU B 151 17.77 -11.76 10.28
C LEU B 151 17.51 -11.01 11.57
N GLU B 152 17.56 -11.72 12.72
CA GLU B 152 17.38 -11.05 14.00
C GLU B 152 18.45 -10.01 14.23
N LYS B 153 19.70 -10.33 13.90
CA LYS B 153 20.76 -9.37 14.11
C LYS B 153 20.60 -8.17 13.18
N LEU B 154 20.18 -8.42 11.93
CA LEU B 154 19.95 -7.29 11.03
C LEU B 154 18.74 -6.46 11.48
N ASP B 155 17.75 -7.10 12.10
CA ASP B 155 16.61 -6.36 12.63
C ASP B 155 17.03 -5.41 13.74
N LYS B 156 17.94 -5.86 14.60
CA LYS B 156 18.49 -4.99 15.63
C LYS B 156 19.20 -3.78 15.03
N GLU B 157 20.01 -4.01 14.00
CA GLU B 157 20.66 -2.90 13.31
C GLU B 157 19.63 -1.94 12.72
N ALA B 158 18.57 -2.48 12.12
CA ALA B 158 17.50 -1.63 11.56
C ALA B 158 16.87 -0.73 12.62
N LYS B 159 16.69 -1.24 13.84
CA LYS B 159 15.98 -0.50 14.87
C LYS B 159 16.73 0.73 15.37
N SER B 160 18.03 0.81 15.13
CA SER B 160 18.80 1.99 15.52
C SER B 160 19.40 2.71 14.32
N LYS B 161 19.07 2.28 13.11
CA LYS B 161 19.75 2.78 11.91
C LYS B 161 19.51 4.25 11.67
N PHE B 162 18.36 4.78 12.10
CA PHE B 162 17.97 6.15 11.77
C PHE B 162 18.06 7.12 12.94
N ASP B 163 18.83 6.76 13.97
CA ASP B 163 18.88 7.57 15.19
C ASP B 163 19.52 8.94 14.97
N ALA B 164 20.29 9.13 13.91
CA ALA B 164 20.91 10.44 13.69
C ALA B 164 20.07 11.34 12.78
N ILE B 165 18.96 10.86 12.26
CA ILE B 165 18.10 11.68 11.40
C ILE B 165 17.16 12.50 12.27
N ALA B 166 17.05 13.79 11.98
CA ALA B 166 16.09 14.65 12.66
C ALA B 166 14.66 14.19 12.37
N GLU B 167 13.78 14.32 13.36
CA GLU B 167 12.41 13.79 13.19
C GLU B 167 11.71 14.46 12.00
N ASN B 168 11.94 15.76 11.79
CA ASN B 168 11.30 16.43 10.66
C ASN B 168 11.97 16.14 9.33
N LYS B 169 12.98 15.28 9.32
CA LYS B 169 13.61 14.80 8.11
C LYS B 169 13.33 13.33 7.86
N LYS B 170 12.60 12.66 8.77
CA LYS B 170 12.39 11.23 8.69
C LYS B 170 11.16 10.98 7.85
N LEU B 171 11.38 10.82 6.56
CA LEU B 171 10.29 10.46 5.66
C LEU B 171 10.89 9.68 4.51
N ILE B 172 10.43 8.44 4.34
CA ILE B 172 10.84 7.62 3.22
C ILE B 172 9.82 7.79 2.10
N VAL B 173 10.27 8.29 0.96
CA VAL B 173 9.38 8.54 -0.19
C VAL B 173 9.74 7.55 -1.28
N THR B 174 8.77 6.71 -1.66
CA THR B 174 8.93 5.73 -2.71
C THR B 174 7.73 5.84 -3.64
N SER B 175 7.80 5.17 -4.79
CA SER B 175 6.74 5.29 -5.78
C SER B 175 5.47 4.60 -5.31
N GLU B 176 5.58 3.32 -5.03
CA GLU B 176 4.52 2.55 -4.41
C GLU B 176 4.53 2.74 -2.89
N GLY B 177 3.34 2.72 -2.29
CA GLY B 177 3.19 2.83 -0.85
C GLY B 177 3.46 1.51 -0.15
N CYS B 178 4.67 0.99 -0.33
CA CYS B 178 5.00 -0.37 0.08
C CYS B 178 5.76 -0.43 1.40
N PHE B 179 5.89 0.69 2.11
CA PHE B 179 6.76 0.75 3.28
C PHE B 179 6.01 0.75 4.60
N LYS B 180 4.71 0.43 4.64
CA LYS B 180 3.96 0.50 5.88
C LYS B 180 4.53 -0.40 6.97
N TYR B 181 4.97 -1.61 6.61
CA TYR B 181 5.46 -2.54 7.63
C TYR B 181 6.84 -2.13 8.09
N PHE B 182 7.66 -1.59 7.18
CA PHE B 182 8.95 -1.03 7.56
C PHE B 182 8.78 0.20 8.46
N SER B 183 7.85 1.10 8.07
CA SER B 183 7.61 2.30 8.89
C SER B 183 7.16 1.94 10.30
N LYS B 184 6.29 0.95 10.43
CA LYS B 184 5.80 0.58 11.75
C LYS B 184 6.90 -0.04 12.59
N ALA B 185 7.74 -0.87 11.97
CA ALA B 185 8.78 -1.58 12.71
C ALA B 185 9.92 -0.65 13.14
N TYR B 186 10.35 0.23 12.25
CA TYR B 186 11.59 0.98 12.48
C TYR B 186 11.37 2.47 12.70
N GLY B 187 10.13 2.94 12.76
CA GLY B 187 9.87 4.30 13.21
C GLY B 187 10.22 5.39 12.22
N VAL B 188 10.21 5.08 10.93
CA VAL B 188 10.40 6.12 9.91
C VAL B 188 9.13 6.17 9.08
N PRO B 189 8.36 7.26 9.14
CA PRO B 189 7.13 7.33 8.34
C PRO B 189 7.46 7.36 6.86
N SER B 190 6.47 7.01 6.05
CA SER B 190 6.67 6.89 4.61
C SER B 190 5.55 7.58 3.85
N ALA B 191 5.84 7.95 2.60
CA ALA B 191 4.87 8.57 1.71
C ALA B 191 5.09 8.02 0.31
N TYR B 192 4.13 8.26 -0.58
CA TYR B 192 4.15 7.55 -1.86
C TYR B 192 3.43 8.34 -2.94
N ILE B 193 3.59 7.89 -4.19
CA ILE B 193 2.82 8.38 -5.33
C ILE B 193 1.51 7.61 -5.41
N TRP B 194 1.59 6.29 -5.62
CA TRP B 194 0.41 5.43 -5.61
C TRP B 194 0.52 4.42 -4.48
N GLU B 195 -0.62 4.05 -3.90
CA GLU B 195 -0.54 3.24 -2.68
C GLU B 195 -0.11 1.80 -2.97
N ILE B 196 -0.66 1.19 -4.03
CA ILE B 196 -0.34 -0.21 -4.34
C ILE B 196 -0.34 -0.38 -5.85
N ASN B 197 0.51 -1.31 -6.33
CA ASN B 197 0.85 -1.46 -7.73
C ASN B 197 -0.33 -1.89 -8.60
N THR B 198 -1.50 -2.17 -8.04
CA THR B 198 -2.66 -2.42 -8.89
C THR B 198 -3.38 -1.15 -9.30
N GLU B 199 -3.03 -0.01 -8.71
CA GLU B 199 -3.64 1.27 -9.05
C GLU B 199 -2.94 1.89 -10.27
N GLU B 200 -3.51 2.98 -10.78
CA GLU B 200 -2.79 3.79 -11.77
C GLU B 200 -1.50 4.30 -11.16
N GLU B 201 -0.43 4.40 -11.97
CA GLU B 201 0.91 4.69 -11.46
C GLU B 201 1.48 5.98 -12.03
N GLY B 202 1.25 7.10 -11.34
CA GLY B 202 1.93 8.32 -11.71
C GLY B 202 1.03 9.33 -12.38
N THR B 203 -0.21 9.43 -11.89
CA THR B 203 -1.16 10.38 -12.45
C THR B 203 -0.87 11.79 -11.90
N PRO B 204 -1.23 12.83 -12.66
CA PRO B 204 -1.01 14.20 -12.16
C PRO B 204 -1.63 14.45 -10.79
N ASP B 205 -2.74 13.79 -10.47
CA ASP B 205 -3.37 13.99 -9.16
C ASP B 205 -2.53 13.42 -8.02
N GLN B 206 -2.03 12.19 -8.19
CA GLN B 206 -1.25 11.60 -7.11
C GLN B 206 0.12 12.27 -7.00
N ILE B 207 0.66 12.77 -8.11
CA ILE B 207 1.93 13.49 -8.07
C ILE B 207 1.80 14.80 -7.31
N SER B 208 0.77 15.59 -7.64
CA SER B 208 0.65 16.88 -6.96
C SER B 208 0.32 16.70 -5.48
N SER B 209 -0.43 15.64 -5.16
CA SER B 209 -0.71 15.33 -3.76
C SER B 209 0.58 15.05 -2.98
N LEU B 210 1.50 14.28 -3.57
CA LEU B 210 2.78 14.05 -2.91
C LEU B 210 3.58 15.34 -2.83
N ILE B 211 3.60 16.12 -3.91
CA ILE B 211 4.29 17.41 -3.94
C ILE B 211 3.85 18.29 -2.77
N GLU B 212 2.55 18.27 -2.45
CA GLU B 212 2.06 19.07 -1.34
C GLU B 212 2.57 18.53 -0.01
N LYS B 213 2.63 17.21 0.13
CA LYS B 213 3.22 16.62 1.32
C LYS B 213 4.67 17.02 1.49
N LEU B 214 5.43 17.06 0.39
CA LEU B 214 6.85 17.35 0.46
C LEU B 214 7.16 18.82 0.70
N LYS B 215 6.16 19.71 0.60
CA LYS B 215 6.36 21.09 1.03
C LYS B 215 6.21 21.23 2.53
N VAL B 216 5.52 20.29 3.17
CA VAL B 216 5.28 20.34 4.61
C VAL B 216 6.40 19.65 5.38
N ILE B 217 6.74 18.43 4.98
CA ILE B 217 7.88 17.72 5.52
C ILE B 217 8.80 17.38 4.36
N LYS B 218 10.04 17.86 4.44
CA LYS B 218 10.96 17.94 3.30
C LYS B 218 12.15 17.03 3.57
N PRO B 219 12.09 15.75 3.20
CA PRO B 219 13.28 14.91 3.33
C PRO B 219 14.37 15.36 2.37
N SER B 220 15.58 14.87 2.64
CA SER B 220 16.75 15.20 1.84
C SER B 220 16.96 14.26 0.66
N ALA B 221 16.08 13.27 0.51
CA ALA B 221 16.25 12.25 -0.51
C ALA B 221 14.87 11.66 -0.81
N LEU B 222 14.70 11.23 -2.05
CA LEU B 222 13.67 10.30 -2.49
C LEU B 222 14.33 8.99 -2.87
N PHE B 223 13.52 7.94 -3.03
CA PHE B 223 14.05 6.65 -3.43
C PHE B 223 13.17 6.08 -4.55
N VAL B 224 13.74 5.19 -5.35
CA VAL B 224 12.97 4.55 -6.42
C VAL B 224 13.20 3.04 -6.38
N GLU B 225 12.12 2.27 -6.53
CA GLU B 225 12.21 0.83 -6.44
C GLU B 225 12.68 0.22 -7.77
N SER B 226 13.41 -0.89 -7.65
CA SER B 226 13.94 -1.58 -8.80
C SER B 226 12.85 -2.14 -9.72
N SER B 227 11.62 -2.26 -9.24
CA SER B 227 10.57 -2.96 -9.96
C SER B 227 9.44 -2.06 -10.44
N VAL B 228 9.62 -0.74 -10.41
CA VAL B 228 8.62 0.20 -10.91
C VAL B 228 9.25 1.03 -12.02
N ASP B 229 8.40 1.64 -12.84
CA ASP B 229 8.91 2.54 -13.87
C ASP B 229 9.47 3.81 -13.23
N ARG B 230 10.55 4.34 -13.80
CA ARG B 230 11.22 5.47 -13.15
C ARG B 230 10.56 6.82 -13.44
N ARG B 231 9.70 6.92 -14.46
CA ARG B 231 9.19 8.23 -14.86
C ARG B 231 8.44 8.99 -13.76
N PRO B 232 7.54 8.38 -12.97
CA PRO B 232 6.81 9.18 -11.98
C PRO B 232 7.69 9.78 -10.89
N MET B 233 8.63 9.01 -10.32
CA MET B 233 9.48 9.59 -9.30
C MET B 233 10.46 10.59 -9.89
N GLU B 234 10.86 10.41 -11.15
CA GLU B 234 11.66 11.46 -11.79
C GLU B 234 10.89 12.76 -11.92
N THR B 235 9.57 12.67 -12.15
CA THR B 235 8.74 13.87 -12.18
C THR B 235 8.59 14.48 -10.80
N VAL B 236 8.44 13.64 -9.77
CA VAL B 236 8.34 14.15 -8.41
C VAL B 236 9.62 14.85 -8.00
N SER B 237 10.77 14.26 -8.34
CA SER B 237 12.05 14.89 -8.02
C SER B 237 12.18 16.26 -8.67
N LYS B 238 11.81 16.36 -9.95
CA LYS B 238 11.86 17.65 -10.63
C LYS B 238 10.91 18.66 -10.02
N ASP B 239 9.67 18.26 -9.74
CA ASP B 239 8.69 19.21 -9.23
C ASP B 239 9.04 19.66 -7.81
N SER B 240 9.56 18.74 -6.99
CA SER B 240 9.85 19.02 -5.58
C SER B 240 11.26 19.55 -5.36
N GLY B 241 12.18 19.30 -6.27
CA GLY B 241 13.58 19.66 -6.07
C GLY B 241 14.40 18.67 -5.28
N ILE B 242 13.81 17.59 -4.77
CA ILE B 242 14.51 16.63 -3.92
C ILE B 242 15.13 15.53 -4.79
N PRO B 243 16.39 15.17 -4.58
CA PRO B 243 17.04 14.17 -5.43
C PRO B 243 16.64 12.75 -5.06
N ILE B 244 16.61 11.89 -6.07
CA ILE B 244 16.53 10.45 -5.87
C ILE B 244 17.93 9.95 -5.46
N TYR B 245 18.08 9.58 -4.20
CA TYR B 245 19.41 9.20 -3.72
C TYR B 245 19.84 7.84 -4.23
N SER B 246 18.93 6.87 -4.26
CA SER B 246 19.34 5.52 -4.64
C SER B 246 18.13 4.73 -5.11
N GLU B 247 18.39 3.73 -5.96
CA GLU B 247 17.45 2.65 -6.15
C GLU B 247 17.39 1.81 -4.87
N ILE B 248 16.21 1.27 -4.58
CA ILE B 248 16.05 0.37 -3.44
C ILE B 248 15.26 -0.84 -3.90
N PHE B 249 15.14 -1.82 -3.00
CA PHE B 249 14.55 -3.11 -3.36
C PHE B 249 13.33 -3.33 -2.50
N THR B 250 12.18 -3.51 -3.14
CA THR B 250 10.93 -3.67 -2.42
C THR B 250 10.28 -4.98 -2.83
N ASP B 251 9.79 -5.09 -4.06
CA ASP B 251 9.06 -6.26 -4.53
C ASP B 251 9.93 -7.29 -5.23
N SER B 252 11.24 -7.07 -5.31
CA SER B 252 12.11 -8.04 -5.97
C SER B 252 13.53 -7.88 -5.43
N ILE B 253 14.27 -8.99 -5.42
CA ILE B 253 15.72 -8.91 -5.19
C ILE B 253 16.40 -8.58 -6.51
N ALA B 254 17.72 -8.45 -6.49
CA ALA B 254 18.54 -8.24 -7.67
C ALA B 254 19.06 -9.56 -8.23
N LYS B 255 19.62 -9.49 -9.43
CA LYS B 255 20.23 -10.65 -10.04
C LYS B 255 21.44 -11.12 -9.23
N LYS B 256 21.67 -12.43 -9.26
CA LYS B 256 22.76 -13.07 -8.54
C LYS B 256 24.10 -12.39 -8.79
N GLY B 257 24.79 -11.98 -7.70
CA GLY B 257 26.08 -11.31 -7.81
C GLY B 257 26.03 -9.81 -7.93
N LYS B 258 24.85 -9.22 -8.01
CA LYS B 258 24.65 -7.79 -8.02
C LYS B 258 24.24 -7.32 -6.63
N PRO B 259 24.36 -6.03 -6.32
CA PRO B 259 23.95 -5.56 -5.00
C PRO B 259 22.47 -5.89 -4.77
N GLY B 260 22.16 -6.40 -3.58
CA GLY B 260 20.77 -6.71 -3.25
C GLY B 260 20.21 -8.01 -3.81
N ASP B 261 21.06 -9.02 -4.02
CA ASP B 261 20.69 -10.26 -4.71
C ASP B 261 20.17 -11.34 -3.78
N SER B 262 19.74 -10.98 -2.58
CA SER B 262 19.07 -11.91 -1.67
C SER B 262 18.15 -11.10 -0.77
N TYR B 263 17.31 -11.78 -0.01
CA TYR B 263 16.47 -11.05 0.93
C TYR B 263 17.32 -10.35 1.98
N TYR B 264 18.32 -11.06 2.53
CA TYR B 264 19.25 -10.43 3.46
C TYR B 264 19.95 -9.24 2.80
N ALA B 265 20.51 -9.45 1.62
CA ALA B 265 21.34 -8.41 0.99
C ALA B 265 20.52 -7.19 0.60
N MET B 266 19.29 -7.41 0.11
CA MET B 266 18.42 -6.31 -0.26
C MET B 266 18.05 -5.45 0.95
N MET B 267 17.82 -6.08 2.12
CA MET B 267 17.49 -5.31 3.31
C MET B 267 18.72 -4.59 3.87
N LYS B 268 19.90 -5.21 3.80
CA LYS B 268 21.11 -4.50 4.21
C LYS B 268 21.35 -3.29 3.30
N TRP B 269 21.19 -3.48 1.99
CA TRP B 269 21.30 -2.36 1.05
C TRP B 269 20.29 -1.27 1.37
N ASN B 270 19.02 -1.63 1.54
CA ASN B 270 18.01 -0.63 1.87
C ASN B 270 18.36 0.14 3.14
N LEU B 271 18.79 -0.57 4.18
CA LEU B 271 19.08 0.12 5.44
C LEU B 271 20.20 1.13 5.27
N ASP B 272 21.28 0.71 4.60
CA ASP B 272 22.41 1.60 4.41
C ASP B 272 22.03 2.77 3.51
N LYS B 273 21.41 2.49 2.35
CA LYS B 273 21.16 3.59 1.43
C LYS B 273 20.10 4.55 1.96
N ILE B 274 19.07 4.03 2.65
CA ILE B 274 18.02 4.93 3.11
C ILE B 274 18.55 5.80 4.24
N SER B 275 19.34 5.23 5.15
CA SER B 275 19.87 6.05 6.23
C SER B 275 20.90 7.04 5.71
N GLU B 276 21.70 6.66 4.71
CA GLU B 276 22.64 7.62 4.11
C GLU B 276 21.90 8.78 3.45
N GLY B 277 20.91 8.46 2.61
CA GLY B 277 20.23 9.50 1.87
C GLY B 277 19.44 10.46 2.75
N LEU B 278 18.81 9.94 3.79
CA LEU B 278 18.04 10.80 4.68
C LEU B 278 18.93 11.72 5.50
N ALA B 279 20.20 11.39 5.65
CA ALA B 279 21.13 12.20 6.42
C ALA B 279 21.66 13.39 5.63
N LYS B 280 21.41 13.45 4.34
CA LYS B 280 21.98 14.52 3.51
C LYS B 280 21.19 15.81 3.70
N GLU C 1 -3.49 17.37 -45.94
CA GLU C 1 -3.34 18.58 -45.12
C GLU C 1 -3.37 18.20 -43.63
N VAL C 2 -4.22 17.24 -43.28
CA VAL C 2 -4.30 16.78 -41.90
C VAL C 2 -2.98 16.08 -41.54
N GLN C 3 -2.31 16.60 -40.51
CA GLN C 3 -1.02 16.06 -40.08
C GLN C 3 -1.13 15.69 -38.60
N LEU C 4 -0.64 14.50 -38.26
CA LEU C 4 -0.68 13.99 -36.89
C LEU C 4 0.71 13.55 -36.49
N VAL C 5 1.14 13.98 -35.30
CA VAL C 5 2.45 13.62 -34.78
C VAL C 5 2.28 13.09 -33.36
N GLU C 6 2.72 11.86 -33.12
CA GLU C 6 2.65 11.27 -31.79
C GLU C 6 3.89 11.60 -30.97
N SER C 7 3.74 11.49 -29.65
CA SER C 7 4.87 11.56 -28.73
C SER C 7 4.52 10.78 -27.47
N GLY C 8 5.55 10.50 -26.68
CA GLY C 8 5.39 9.96 -25.33
C GLY C 8 5.71 8.49 -25.14
N GLY C 9 6.17 7.78 -26.17
CA GLY C 9 6.40 6.36 -26.06
C GLY C 9 7.77 6.04 -25.51
N GLY C 10 8.11 4.76 -25.59
CA GLY C 10 9.42 4.27 -25.26
C GLY C 10 9.33 2.99 -24.45
N LEU C 11 10.43 2.72 -23.74
CA LEU C 11 10.56 1.55 -22.88
C LEU C 11 9.90 1.82 -21.53
N VAL C 12 9.03 0.91 -21.08
CA VAL C 12 8.28 1.14 -19.86
C VAL C 12 8.20 -0.16 -19.07
N GLN C 13 8.33 -0.05 -17.75
CA GLN C 13 8.31 -1.21 -16.87
C GLN C 13 6.91 -1.84 -16.82
N PRO C 14 6.82 -3.18 -16.86
CA PRO C 14 5.51 -3.83 -16.74
C PRO C 14 4.81 -3.42 -15.47
N GLY C 15 3.51 -3.13 -15.59
CA GLY C 15 2.72 -2.58 -14.52
C GLY C 15 2.63 -1.07 -14.52
N GLY C 16 3.54 -0.38 -15.19
CA GLY C 16 3.56 1.07 -15.16
C GLY C 16 2.53 1.70 -16.09
N SER C 17 2.56 3.03 -16.09
CA SER C 17 1.66 3.83 -16.90
C SER C 17 2.46 4.63 -17.91
N LEU C 18 1.79 5.05 -18.97
CA LEU C 18 2.38 5.91 -19.97
C LEU C 18 1.28 6.76 -20.59
N ARG C 19 1.60 8.02 -20.88
CA ARG C 19 0.67 8.93 -21.54
C ARG C 19 1.20 9.28 -22.92
N LEU C 20 0.47 8.90 -23.96
CA LEU C 20 0.81 9.28 -25.32
C LEU C 20 0.03 10.52 -25.73
N SER C 21 0.63 11.31 -26.61
CA SER C 21 0.00 12.50 -27.19
C SER C 21 -0.06 12.37 -28.71
N CYS C 22 -1.11 12.95 -29.27
CA CYS C 22 -1.34 13.02 -30.70
C CYS C 22 -1.56 14.49 -31.03
N ALA C 23 -0.56 15.14 -31.62
CA ALA C 23 -0.66 16.57 -31.94
C ALA C 23 -1.17 16.73 -33.36
N ALA C 24 -2.29 17.44 -33.52
CA ALA C 24 -2.93 17.62 -34.82
C ALA C 24 -2.53 18.99 -35.36
N SER C 25 -1.80 18.99 -36.47
CA SER C 25 -1.31 20.21 -37.08
C SER C 25 -1.87 20.41 -38.49
N GLY C 26 -3.08 19.90 -38.72
CA GLY C 26 -3.92 20.41 -39.78
C GLY C 26 -4.82 21.48 -39.19
N PHE C 27 -6.09 21.51 -39.57
CA PHE C 27 -7.05 22.37 -38.88
C PHE C 27 -8.45 21.84 -39.08
N THR C 28 -9.43 22.60 -38.58
CA THR C 28 -10.83 22.15 -38.44
C THR C 28 -10.89 20.82 -37.68
N LEU C 29 -9.95 20.65 -36.74
CA LEU C 29 -9.82 19.41 -35.98
C LEU C 29 -11.07 19.08 -35.18
N ASP C 30 -11.93 20.06 -34.91
CA ASP C 30 -13.14 19.79 -34.13
C ASP C 30 -14.14 18.91 -34.88
N ASN C 31 -13.99 18.75 -36.20
CA ASN C 31 -14.93 17.95 -36.97
C ASN C 31 -14.42 16.54 -37.26
N TYR C 32 -13.39 16.09 -36.55
CA TYR C 32 -12.80 14.77 -36.77
C TYR C 32 -12.94 13.90 -35.54
N ALA C 33 -13.13 12.62 -35.74
CA ALA C 33 -12.82 11.68 -34.68
C ALA C 33 -11.31 11.46 -34.69
N ILE C 34 -10.75 11.18 -33.54
CA ILE C 34 -9.34 10.78 -33.44
C ILE C 34 -9.31 9.43 -32.75
N GLY C 35 -8.65 8.48 -33.38
CA GLY C 35 -8.50 7.15 -32.81
C GLY C 35 -7.04 6.85 -32.53
N TRP C 36 -6.80 6.14 -31.45
CA TRP C 36 -5.52 5.52 -31.16
C TRP C 36 -5.58 4.05 -31.56
N PHE C 37 -4.57 3.60 -32.27
CA PHE C 37 -4.47 2.25 -32.80
C PHE C 37 -3.12 1.70 -32.41
N ARG C 38 -3.01 0.37 -32.41
CA ARG C 38 -1.69 -0.22 -32.23
C ARG C 38 -1.54 -1.41 -33.16
N GLN C 39 -0.28 -1.74 -33.43
CA GLN C 39 0.08 -2.88 -34.27
C GLN C 39 1.26 -3.58 -33.62
N ALA C 40 1.03 -4.79 -33.13
CA ALA C 40 2.03 -5.69 -32.56
C ALA C 40 2.47 -6.70 -33.61
N PRO C 41 3.71 -7.19 -33.51
CA PRO C 41 4.20 -8.17 -34.51
C PRO C 41 3.31 -9.40 -34.56
N GLY C 42 2.83 -9.72 -35.77
CA GLY C 42 2.04 -10.92 -36.00
C GLY C 42 0.58 -10.81 -35.66
N LYS C 43 0.10 -9.65 -35.24
CA LYS C 43 -1.29 -9.45 -34.86
C LYS C 43 -1.95 -8.47 -35.81
N GLU C 44 -3.28 -8.45 -35.77
CA GLU C 44 -4.05 -7.45 -36.49
C GLU C 44 -3.96 -6.09 -35.81
N ARG C 45 -4.17 -5.04 -36.59
CA ARG C 45 -4.34 -3.71 -36.04
C ARG C 45 -5.53 -3.69 -35.09
N GLU C 46 -5.33 -3.07 -33.92
CA GLU C 46 -6.39 -2.93 -32.94
C GLU C 46 -6.68 -1.45 -32.71
N GLY C 47 -7.95 -1.08 -32.74
CA GLY C 47 -8.31 0.27 -32.34
C GLY C 47 -8.54 0.28 -30.84
N VAL C 48 -7.70 0.99 -30.08
CA VAL C 48 -7.71 0.86 -28.64
C VAL C 48 -8.49 1.95 -27.92
N SER C 49 -8.73 3.08 -28.57
CA SER C 49 -9.55 4.14 -27.98
C SER C 49 -9.90 5.10 -29.09
N CYS C 50 -11.06 5.74 -28.96
CA CYS C 50 -11.54 6.64 -30.00
C CYS C 50 -12.31 7.77 -29.35
N ILE C 51 -12.15 8.99 -29.85
CA ILE C 51 -13.01 10.08 -29.41
C ILE C 51 -13.60 10.76 -30.65
N GLY C 52 -14.94 10.82 -30.70
CA GLY C 52 -15.60 11.30 -31.90
C GLY C 52 -15.69 12.79 -31.98
N LEU C 53 -16.17 13.27 -33.12
CA LEU C 53 -16.29 14.72 -33.26
C LEU C 53 -17.27 15.32 -32.25
N SER C 54 -18.20 14.52 -31.72
CA SER C 54 -19.14 14.98 -30.70
C SER C 54 -18.59 14.81 -29.28
N ALA C 55 -17.37 14.30 -29.14
CA ALA C 55 -16.65 14.03 -27.90
C ALA C 55 -16.99 12.68 -27.28
N VAL C 56 -17.87 11.88 -27.88
CA VAL C 56 -18.14 10.55 -27.34
C VAL C 56 -16.88 9.70 -27.43
N THR C 57 -16.61 8.94 -26.37
CA THR C 57 -15.46 8.03 -26.35
C THR C 57 -15.94 6.59 -26.49
N THR C 58 -15.20 5.81 -27.27
CA THR C 58 -15.50 4.41 -27.48
C THR C 58 -14.20 3.61 -27.42
N TYR C 59 -14.34 2.34 -27.00
CA TYR C 59 -13.21 1.46 -26.73
C TYR C 59 -13.47 0.13 -27.41
N ASP C 60 -12.87 -0.05 -28.57
CA ASP C 60 -13.17 -1.19 -29.43
C ASP C 60 -12.35 -2.43 -29.14
N THR C 61 -11.38 -2.36 -28.23
CA THR C 61 -10.52 -3.51 -27.92
C THR C 61 -10.72 -3.90 -26.47
N ASP C 62 -11.35 -5.05 -26.24
CA ASP C 62 -11.75 -5.44 -24.88
C ASP C 62 -10.55 -5.54 -23.94
N SER C 63 -9.40 -6.02 -24.43
CA SER C 63 -8.26 -6.32 -23.57
C SER C 63 -7.61 -5.07 -22.98
N VAL C 64 -8.01 -3.86 -23.39
CA VAL C 64 -7.50 -2.63 -22.77
C VAL C 64 -8.60 -1.81 -22.12
N LYS C 65 -9.87 -2.26 -22.15
CA LYS C 65 -10.90 -1.49 -21.48
C LYS C 65 -10.59 -1.38 -19.99
N GLY C 66 -10.81 -0.19 -19.45
CA GLY C 66 -10.54 0.08 -18.05
C GLY C 66 -9.11 0.46 -17.76
N ARG C 67 -8.18 0.12 -18.64
CA ARG C 67 -6.78 0.51 -18.49
C ARG C 67 -6.41 1.69 -19.36
N PHE C 68 -7.11 1.88 -20.48
CA PHE C 68 -6.82 2.97 -21.42
C PHE C 68 -7.93 4.00 -21.36
N THR C 69 -7.55 5.29 -21.40
CA THR C 69 -8.49 6.39 -21.46
C THR C 69 -8.03 7.44 -22.46
N ILE C 70 -8.94 7.88 -23.33
CA ILE C 70 -8.64 8.86 -24.36
C ILE C 70 -9.29 10.19 -23.97
N SER C 71 -8.61 11.29 -24.28
CA SER C 71 -9.17 12.61 -23.99
C SER C 71 -8.67 13.61 -25.02
N ARG C 72 -9.41 14.70 -25.16
CA ARG C 72 -9.13 15.75 -26.14
C ARG C 72 -8.97 17.09 -25.46
N ASP C 73 -7.92 17.82 -25.83
CA ASP C 73 -7.71 19.20 -25.44
C ASP C 73 -7.87 20.02 -26.72
N SER C 74 -9.05 20.60 -26.91
CA SER C 74 -9.36 21.28 -28.16
C SER C 74 -8.51 22.52 -28.36
N ALA C 75 -8.21 23.24 -27.29
CA ALA C 75 -7.37 24.43 -27.41
C ALA C 75 -5.98 24.07 -27.92
N ARG C 76 -5.46 22.92 -27.49
CA ARG C 76 -4.13 22.48 -27.87
C ARG C 76 -4.13 21.67 -29.16
N ASN C 77 -5.30 21.31 -29.68
CA ASN C 77 -5.42 20.44 -30.83
C ASN C 77 -4.67 19.13 -30.62
N THR C 78 -4.73 18.60 -29.40
CA THR C 78 -4.03 17.39 -29.01
C THR C 78 -4.99 16.38 -28.40
N VAL C 79 -4.77 15.08 -28.69
CA VAL C 79 -5.53 13.98 -28.13
C VAL C 79 -4.56 13.10 -27.33
N TYR C 80 -4.93 12.79 -26.10
CA TYR C 80 -4.07 12.03 -25.20
C TYR C 80 -4.58 10.61 -25.01
N LEU C 81 -3.65 9.66 -24.90
CA LEU C 81 -3.95 8.28 -24.51
C LEU C 81 -3.24 7.99 -23.20
N GLN C 82 -4.02 7.80 -22.14
CA GLN C 82 -3.49 7.37 -20.86
C GLN C 82 -3.57 5.84 -20.75
N MET C 83 -2.40 5.19 -20.70
CA MET C 83 -2.31 3.74 -20.58
C MET C 83 -1.81 3.35 -19.20
N ASN C 84 -2.53 2.42 -18.55
CA ASN C 84 -2.20 1.99 -17.20
C ASN C 84 -2.03 0.47 -17.18
N SER C 85 -1.39 0.00 -16.10
CA SER C 85 -1.17 -1.44 -15.87
C SER C 85 -0.67 -2.15 -17.13
N LEU C 86 0.39 -1.59 -17.71
CA LEU C 86 0.87 -2.09 -18.99
C LEU C 86 1.43 -3.50 -18.87
N ARG C 87 1.14 -4.31 -19.87
CA ARG C 87 1.50 -5.71 -19.95
C ARG C 87 2.44 -5.94 -21.12
N PRO C 88 3.22 -7.02 -21.10
CA PRO C 88 4.05 -7.34 -22.27
C PRO C 88 3.25 -7.40 -23.57
N GLU C 89 2.00 -7.88 -23.52
CA GLU C 89 1.16 -7.95 -24.71
C GLU C 89 0.76 -6.58 -25.25
N ASP C 90 1.01 -5.49 -24.52
CA ASP C 90 0.72 -4.14 -25.00
C ASP C 90 1.87 -3.54 -25.80
N THR C 91 2.99 -4.22 -25.87
CA THR C 91 4.11 -3.77 -26.69
C THR C 91 3.65 -3.69 -28.14
N ALA C 92 3.82 -2.52 -28.74
CA ALA C 92 3.36 -2.30 -30.10
C ALA C 92 3.83 -0.92 -30.51
N VAL C 93 3.75 -0.67 -31.81
CA VAL C 93 3.74 0.69 -32.33
C VAL C 93 2.32 1.25 -32.14
N TYR C 94 2.21 2.38 -31.46
CA TYR C 94 0.93 3.06 -31.26
C TYR C 94 0.85 4.27 -32.18
N PHE C 95 -0.28 4.43 -32.87
CA PHE C 95 -0.39 5.56 -33.79
C PHE C 95 -1.80 6.11 -33.71
N CYS C 96 -1.94 7.40 -34.00
CA CYS C 96 -3.24 8.01 -34.02
C CYS C 96 -3.65 8.29 -35.46
N ALA C 97 -4.96 8.40 -35.65
CA ALA C 97 -5.52 8.61 -36.97
C ALA C 97 -6.77 9.47 -36.82
N ALA C 98 -7.11 10.17 -37.90
CA ALA C 98 -8.20 11.15 -37.89
C ALA C 98 -9.25 10.78 -38.92
N PHE C 99 -10.52 10.96 -38.58
CA PHE C 99 -11.65 10.51 -39.40
C PHE C 99 -12.65 11.65 -39.53
N PRO C 100 -12.76 12.28 -40.69
CA PRO C 100 -13.59 13.48 -40.82
C PRO C 100 -15.05 13.12 -40.68
N TYR C 101 -15.78 13.98 -39.94
CA TYR C 101 -17.22 13.84 -39.75
C TYR C 101 -17.59 12.48 -39.19
N SER C 102 -16.75 11.94 -38.31
CA SER C 102 -17.00 10.65 -37.68
C SER C 102 -17.08 10.79 -36.17
N ASP C 103 -17.93 9.96 -35.56
CA ASP C 103 -17.97 9.78 -34.11
C ASP C 103 -17.24 8.54 -33.67
N TYR C 104 -16.94 7.62 -34.59
CA TYR C 104 -16.34 6.35 -34.24
C TYR C 104 -15.17 6.05 -35.14
N CYS C 105 -14.45 5.03 -34.78
CA CYS C 105 -13.24 4.68 -35.50
C CYS C 105 -13.44 3.36 -36.25
N PRO C 106 -12.74 3.16 -37.37
CA PRO C 106 -12.99 1.97 -38.18
C PRO C 106 -12.51 0.69 -37.51
N ASP C 107 -13.13 -0.42 -37.91
CA ASP C 107 -12.64 -1.72 -37.48
C ASP C 107 -11.40 -2.10 -38.28
N SER C 108 -10.80 -3.25 -37.95
CA SER C 108 -9.51 -3.60 -38.52
C SER C 108 -9.56 -3.76 -40.04
N ASP C 109 -10.69 -4.22 -40.58
CA ASP C 109 -10.78 -4.51 -42.00
C ASP C 109 -11.10 -3.28 -42.84
N ASP C 110 -10.98 -2.08 -42.28
CA ASP C 110 -11.20 -0.84 -43.01
C ASP C 110 -9.88 -0.11 -43.18
N PHE C 111 -9.71 0.54 -44.32
CA PHE C 111 -8.49 1.28 -44.63
C PHE C 111 -8.50 2.63 -43.93
N LEU C 112 -7.31 3.21 -43.80
CA LEU C 112 -7.07 4.25 -42.79
C LEU C 112 -6.28 5.36 -43.46
N GLN C 113 -6.89 6.52 -43.66
CA GLN C 113 -6.35 7.49 -44.61
C GLN C 113 -5.41 8.53 -43.99
N HIS C 114 -5.70 9.05 -42.80
CA HIS C 114 -4.88 10.09 -42.16
C HIS C 114 -4.32 9.55 -40.85
N ARG C 115 -3.01 9.30 -40.78
CA ARG C 115 -2.46 8.74 -39.56
C ARG C 115 -1.04 9.26 -39.36
N GLY C 116 -0.56 9.12 -38.13
CA GLY C 116 0.79 9.55 -37.84
C GLY C 116 1.80 8.43 -38.04
N HIS C 117 3.09 8.79 -37.95
CA HIS C 117 4.14 7.78 -38.09
C HIS C 117 4.01 6.67 -37.05
N GLY C 118 3.62 7.04 -35.85
CA GLY C 118 3.54 6.04 -34.79
C GLY C 118 4.73 6.11 -33.83
N THR C 119 4.49 5.65 -32.61
CA THR C 119 5.50 5.68 -31.55
C THR C 119 5.60 4.29 -30.91
N GLN C 120 6.82 3.80 -30.78
CA GLN C 120 7.04 2.49 -30.19
C GLN C 120 6.79 2.53 -28.69
N VAL C 121 6.04 1.54 -28.21
CA VAL C 121 5.87 1.31 -26.78
C VAL C 121 6.34 -0.11 -26.54
N THR C 122 7.37 -0.26 -25.72
CA THR C 122 7.91 -1.56 -25.40
C THR C 122 7.82 -1.78 -23.91
N VAL C 123 7.05 -2.78 -23.50
CA VAL C 123 6.79 -3.04 -22.10
C VAL C 123 7.74 -4.15 -21.67
N SER C 124 8.85 -3.79 -21.02
CA SER C 124 9.79 -4.79 -20.52
C SER C 124 10.68 -4.16 -19.45
N SER C 125 11.32 -5.03 -18.67
CA SER C 125 12.31 -4.57 -17.70
C SER C 125 13.69 -4.73 -18.32
N ALA C 126 14.43 -3.63 -18.41
CA ALA C 126 15.75 -3.64 -19.03
C ALA C 126 16.82 -4.12 -18.04
N VAL D 2 42.52 -1.53 -5.01
CA VAL D 2 41.27 -1.97 -5.60
C VAL D 2 41.37 -3.46 -5.94
N GLN D 3 42.57 -4.02 -5.82
CA GLN D 3 42.85 -5.38 -6.26
C GLN D 3 43.04 -6.30 -5.06
N LEU D 4 42.45 -7.50 -5.16
CA LEU D 4 42.71 -8.59 -4.24
C LEU D 4 44.02 -9.29 -4.59
N VAL D 5 44.62 -9.93 -3.59
CA VAL D 5 45.85 -10.71 -3.78
C VAL D 5 45.53 -12.18 -3.54
N GLU D 6 45.67 -13.00 -4.58
CA GLU D 6 45.53 -14.45 -4.48
C GLU D 6 46.86 -15.11 -4.18
N SER D 7 46.87 -16.08 -3.28
CA SER D 7 48.10 -16.80 -2.99
C SER D 7 47.80 -18.21 -2.51
N GLY D 8 48.85 -19.00 -2.43
CA GLY D 8 48.79 -20.35 -1.89
C GLY D 8 48.86 -21.45 -2.92
N GLY D 9 48.90 -21.13 -4.20
CA GLY D 9 48.98 -22.14 -5.23
C GLY D 9 50.33 -22.83 -5.23
N GLY D 10 50.45 -23.85 -6.06
CA GLY D 10 51.70 -24.57 -6.17
C GLY D 10 51.48 -25.91 -6.84
N LEU D 11 52.55 -26.70 -6.84
CA LEU D 11 52.52 -28.06 -7.40
C LEU D 11 52.35 -29.05 -6.26
N VAL D 12 51.27 -29.83 -6.30
CA VAL D 12 50.91 -30.74 -5.22
C VAL D 12 50.49 -32.10 -5.78
N GLN D 13 50.59 -33.14 -4.91
CA GLN D 13 50.22 -34.49 -5.33
C GLN D 13 48.72 -34.73 -5.17
N PRO D 14 48.14 -35.61 -5.99
CA PRO D 14 46.73 -35.97 -5.79
C PRO D 14 46.49 -36.52 -4.40
N GLY D 15 45.32 -36.18 -3.85
CA GLY D 15 44.93 -36.61 -2.54
C GLY D 15 45.24 -35.65 -1.40
N GLY D 16 46.13 -34.69 -1.63
CA GLY D 16 46.53 -33.78 -0.57
C GLY D 16 45.55 -32.64 -0.41
N SER D 17 45.94 -31.67 0.42
CA SER D 17 45.12 -30.49 0.66
C SER D 17 45.95 -29.22 0.52
N LEU D 18 45.25 -28.13 0.23
CA LEU D 18 45.86 -26.83 -0.06
C LEU D 18 44.90 -25.77 0.43
N ARG D 19 45.42 -24.69 0.99
CA ARG D 19 44.59 -23.56 1.39
C ARG D 19 44.99 -22.35 0.54
N LEU D 20 44.04 -21.81 -0.21
CA LEU D 20 44.27 -20.58 -0.96
C LEU D 20 43.79 -19.40 -0.14
N SER D 21 44.46 -18.25 -0.33
CA SER D 21 44.15 -17.03 0.40
C SER D 21 43.78 -15.91 -0.57
N CYS D 22 42.72 -15.18 -0.22
CA CYS D 22 42.25 -14.01 -0.96
C CYS D 22 42.34 -12.87 0.05
N ALA D 23 43.37 -12.04 -0.08
CA ALA D 23 43.67 -11.01 0.90
C ALA D 23 43.42 -9.65 0.27
N ALA D 24 42.70 -8.79 1.00
CA ALA D 24 42.45 -7.42 0.58
C ALA D 24 43.43 -6.50 1.28
N SER D 25 44.07 -5.61 0.53
CA SER D 25 45.06 -4.73 1.13
C SER D 25 44.43 -3.45 1.65
N GLY D 26 43.67 -2.76 0.81
CA GLY D 26 43.02 -1.54 1.24
C GLY D 26 41.65 -1.80 1.84
N PHE D 27 40.67 -2.04 0.98
CA PHE D 27 39.28 -2.02 1.38
C PHE D 27 38.94 -3.20 2.29
N THR D 28 37.91 -3.01 3.10
CA THR D 28 37.42 -4.04 3.98
C THR D 28 36.33 -4.83 3.28
N LEU D 29 36.35 -6.14 3.44
CA LEU D 29 35.51 -7.04 2.67
C LEU D 29 34.15 -7.31 3.31
N ASP D 30 33.82 -6.71 4.46
CA ASP D 30 32.71 -7.21 5.27
C ASP D 30 31.39 -7.21 4.51
N ASN D 31 31.08 -6.13 3.79
CA ASN D 31 29.81 -6.04 3.09
C ASN D 31 29.88 -6.54 1.65
N TYR D 32 30.87 -7.38 1.32
CA TYR D 32 31.02 -7.96 -0.01
C TYR D 32 30.80 -9.47 0.03
N ALA D 33 30.31 -10.03 -1.07
CA ALA D 33 30.49 -11.45 -1.31
C ALA D 33 31.89 -11.65 -1.85
N ILE D 34 32.54 -12.74 -1.46
CA ILE D 34 33.87 -13.07 -1.99
C ILE D 34 33.76 -14.45 -2.62
N GLY D 35 34.07 -14.55 -3.89
CA GLY D 35 34.03 -15.79 -4.62
C GLY D 35 35.40 -16.25 -5.08
N TRP D 36 35.60 -17.57 -5.08
CA TRP D 36 36.75 -18.19 -5.72
C TRP D 36 36.31 -18.77 -7.05
N PHE D 37 37.09 -18.52 -8.09
CA PHE D 37 36.83 -18.99 -9.44
C PHE D 37 38.07 -19.71 -9.96
N ARG D 38 37.89 -20.55 -10.96
CA ARG D 38 39.05 -21.20 -11.57
C ARG D 38 38.82 -21.34 -13.05
N GLN D 39 39.93 -21.36 -13.79
CA GLN D 39 39.84 -21.66 -15.22
C GLN D 39 40.92 -22.66 -15.57
N ALA D 40 40.48 -23.82 -16.09
CA ALA D 40 41.34 -24.89 -16.58
C ALA D 40 41.51 -24.77 -18.09
N PRO D 41 42.61 -25.31 -18.64
CA PRO D 41 42.82 -25.20 -20.09
C PRO D 41 41.69 -25.85 -20.88
N GLY D 42 41.21 -25.12 -21.89
CA GLY D 42 40.11 -25.58 -22.72
C GLY D 42 38.76 -25.66 -22.03
N LYS D 43 38.67 -25.30 -20.75
CA LYS D 43 37.41 -25.38 -20.01
C LYS D 43 36.87 -23.99 -19.72
N GLU D 44 35.59 -23.94 -19.41
CA GLU D 44 34.95 -22.69 -19.02
C GLU D 44 35.30 -22.32 -17.58
N ARG D 45 35.39 -21.03 -17.33
N ARG D 45 35.39 -21.02 -17.33
CA ARG D 45 35.57 -20.54 -15.96
CA ARG D 45 35.56 -20.54 -15.96
C ARG D 45 34.43 -21.05 -15.09
C ARG D 45 34.43 -21.03 -15.09
N GLU D 46 34.75 -21.44 -13.86
CA GLU D 46 33.69 -21.88 -12.95
C GLU D 46 33.88 -21.29 -11.56
N GLY D 47 32.75 -20.95 -10.95
CA GLY D 47 32.77 -20.48 -9.58
C GLY D 47 32.76 -21.65 -8.63
N VAL D 48 33.79 -21.78 -7.81
CA VAL D 48 33.94 -23.00 -7.02
C VAL D 48 33.53 -22.87 -5.55
N SER D 49 33.53 -21.66 -5.00
CA SER D 49 33.01 -21.42 -3.67
C SER D 49 32.76 -19.93 -3.53
N CYS D 50 31.75 -19.58 -2.73
CA CYS D 50 31.37 -18.18 -2.56
C CYS D 50 30.92 -17.99 -1.13
N ILE D 51 31.26 -16.86 -0.53
CA ILE D 51 30.75 -16.52 0.79
C ILE D 51 30.13 -15.13 0.70
N GLY D 52 28.85 -15.01 1.08
CA GLY D 52 28.14 -13.76 0.92
C GLY D 52 28.36 -12.84 2.08
N LEU D 53 27.82 -11.61 1.96
CA LEU D 53 28.00 -10.67 3.05
C LEU D 53 27.32 -11.14 4.34
N SER D 54 26.30 -12.00 4.24
CA SER D 54 25.62 -12.58 5.40
C SER D 54 26.33 -13.81 5.94
N ALA D 55 27.41 -14.25 5.30
CA ALA D 55 28.25 -15.41 5.61
C ALA D 55 27.70 -16.70 5.02
N VAL D 56 26.59 -16.65 4.27
CA VAL D 56 26.10 -17.86 3.60
C VAL D 56 27.14 -18.34 2.59
N THR D 57 27.38 -19.64 2.57
CA THR D 57 28.35 -20.20 1.63
C THR D 57 27.59 -20.92 0.54
N THR D 58 27.96 -20.64 -0.70
CA THR D 58 27.39 -21.33 -1.85
C THR D 58 28.51 -21.97 -2.66
N TYR D 59 28.16 -23.07 -3.33
CA TYR D 59 29.12 -23.92 -4.01
C TYR D 59 28.53 -24.24 -5.38
N ASP D 60 28.92 -23.46 -6.39
CA ASP D 60 28.24 -23.43 -7.69
C ASP D 60 28.81 -24.44 -8.68
N THR D 61 29.79 -25.24 -8.29
CA THR D 61 30.40 -26.24 -9.16
C THR D 61 30.29 -27.59 -8.47
N ASP D 62 29.50 -28.49 -9.06
CA ASP D 62 29.20 -29.76 -8.41
C ASP D 62 30.45 -30.60 -8.15
N SER D 63 31.46 -30.48 -9.02
CA SER D 63 32.61 -31.38 -8.93
C SER D 63 33.49 -31.13 -7.73
N VAL D 64 33.33 -30.00 -7.03
CA VAL D 64 34.14 -29.72 -5.86
C VAL D 64 33.33 -29.73 -4.58
N LYS D 65 32.01 -29.92 -4.64
CA LYS D 65 31.19 -29.97 -3.43
C LYS D 65 31.71 -31.03 -2.47
N GLY D 66 31.79 -30.68 -1.19
CA GLY D 66 32.28 -31.60 -0.19
C GLY D 66 33.79 -31.66 -0.06
N ARG D 67 34.54 -31.13 -1.02
CA ARG D 67 35.99 -31.08 -0.89
C ARG D 67 36.51 -29.67 -0.68
N PHE D 68 35.81 -28.67 -1.20
CA PHE D 68 36.19 -27.27 -1.10
C PHE D 68 35.32 -26.61 -0.03
N THR D 69 35.93 -25.85 0.88
CA THR D 69 35.16 -25.07 1.83
C THR D 69 35.69 -23.65 1.87
N ILE D 70 34.82 -22.69 2.14
CA ILE D 70 35.25 -21.31 2.11
C ILE D 70 34.93 -20.66 3.45
N SER D 71 35.79 -19.73 3.88
CA SER D 71 35.62 -19.07 5.15
C SER D 71 36.19 -17.66 5.08
N ARG D 72 35.63 -16.77 5.87
CA ARG D 72 36.07 -15.38 5.93
C ARG D 72 36.71 -15.15 7.29
N ASP D 73 37.97 -14.71 7.28
CA ASP D 73 38.68 -14.31 8.50
C ASP D 73 38.57 -12.80 8.58
N SER D 74 37.50 -12.32 9.22
CA SER D 74 37.22 -10.89 9.21
C SER D 74 38.34 -10.09 9.88
N ALA D 75 38.96 -10.67 10.92
CA ALA D 75 40.05 -9.97 11.60
C ALA D 75 41.22 -9.73 10.65
N ARG D 76 41.49 -10.67 9.74
CA ARG D 76 42.62 -10.56 8.84
C ARG D 76 42.22 -10.10 7.46
N ASN D 77 40.94 -9.74 7.25
CA ASN D 77 40.45 -9.25 5.97
C ASN D 77 40.86 -10.19 4.83
N THR D 78 40.69 -11.49 5.08
CA THR D 78 41.15 -12.52 4.17
C THR D 78 40.05 -13.57 4.05
N VAL D 79 39.90 -14.11 2.85
CA VAL D 79 38.98 -15.22 2.62
C VAL D 79 39.79 -16.42 2.17
N TYR D 80 39.55 -17.57 2.80
CA TYR D 80 40.35 -18.76 2.57
C TYR D 80 39.53 -19.79 1.82
N LEU D 81 40.16 -20.46 0.88
CA LEU D 81 39.59 -21.60 0.17
C LEU D 81 40.35 -22.86 0.60
N GLN D 82 39.70 -23.71 1.39
CA GLN D 82 40.31 -24.96 1.81
C GLN D 82 39.94 -26.03 0.78
N MET D 83 40.95 -26.56 0.10
CA MET D 83 40.76 -27.59 -0.92
C MET D 83 41.31 -28.90 -0.37
N ASN D 84 40.41 -29.85 -0.07
CA ASN D 84 40.80 -31.16 0.42
C ASN D 84 40.66 -32.20 -0.68
N SER D 85 41.38 -33.31 -0.53
CA SER D 85 41.27 -34.45 -1.44
C SER D 85 41.48 -34.04 -2.89
N LEU D 86 42.58 -33.31 -3.13
CA LEU D 86 42.82 -32.73 -4.44
C LEU D 86 42.90 -33.80 -5.52
N ARG D 87 42.45 -33.44 -6.71
CA ARG D 87 42.42 -34.32 -7.87
C ARG D 87 43.09 -33.64 -9.05
N PRO D 88 43.68 -34.42 -9.97
CA PRO D 88 44.32 -33.80 -11.15
C PRO D 88 43.45 -32.78 -11.87
N GLU D 89 42.15 -33.02 -11.95
CA GLU D 89 41.31 -32.09 -12.70
C GLU D 89 41.04 -30.80 -11.93
N ASP D 90 41.57 -30.67 -10.72
CA ASP D 90 41.54 -29.40 -10.01
C ASP D 90 42.65 -28.45 -10.45
N THR D 91 43.55 -28.90 -11.34
CA THR D 91 44.55 -28.01 -11.91
C THR D 91 43.90 -26.88 -12.69
N ALA D 92 44.31 -25.64 -12.39
CA ALA D 92 43.72 -24.44 -12.98
C ALA D 92 44.40 -23.22 -12.38
N VAL D 93 44.19 -22.07 -13.04
CA VAL D 93 44.44 -20.78 -12.41
C VAL D 93 43.22 -20.43 -11.56
N TYR D 94 43.44 -20.11 -10.29
CA TYR D 94 42.37 -19.71 -9.39
C TYR D 94 42.40 -18.20 -9.13
N PHE D 95 41.22 -17.59 -9.16
CA PHE D 95 41.04 -16.15 -8.99
C PHE D 95 40.05 -15.93 -7.86
N CYS D 96 40.21 -14.87 -7.08
CA CYS D 96 39.09 -14.47 -6.26
C CYS D 96 38.56 -13.11 -6.70
N ALA D 97 37.32 -12.82 -6.31
CA ALA D 97 36.64 -11.61 -6.74
C ALA D 97 35.67 -11.17 -5.65
N ALA D 98 35.30 -9.89 -5.67
CA ALA D 98 34.50 -9.32 -4.60
C ALA D 98 33.32 -8.56 -5.19
N PHE D 99 32.13 -8.77 -4.62
CA PHE D 99 30.89 -8.22 -5.16
C PHE D 99 30.16 -7.46 -4.08
N PRO D 100 30.04 -6.14 -4.17
CA PRO D 100 29.49 -5.36 -3.06
C PRO D 100 28.00 -5.64 -2.82
N TYR D 101 27.65 -5.74 -1.55
CA TYR D 101 26.27 -5.91 -1.09
C TYR D 101 25.62 -7.16 -1.69
N SER D 102 26.40 -8.21 -1.92
CA SER D 102 25.88 -9.44 -2.52
C SER D 102 26.02 -10.58 -1.53
N ASP D 103 25.07 -11.52 -1.61
CA ASP D 103 25.21 -12.79 -0.90
C ASP D 103 25.76 -13.90 -1.76
N TYR D 104 25.69 -13.76 -3.08
CA TYR D 104 26.06 -14.80 -4.02
C TYR D 104 27.02 -14.25 -5.05
N CYS D 105 27.53 -15.14 -5.85
CA CYS D 105 28.52 -14.76 -6.83
C CYS D 105 27.93 -14.95 -8.23
N PRO D 106 28.30 -14.10 -9.19
CA PRO D 106 27.75 -14.24 -10.54
C PRO D 106 28.28 -15.50 -11.21
N ASP D 107 27.62 -15.88 -12.31
N ASP D 107 27.58 -15.89 -12.27
CA ASP D 107 28.01 -17.07 -13.04
CA ASP D 107 27.94 -17.09 -13.01
C ASP D 107 28.65 -16.66 -14.35
C ASP D 107 28.62 -16.74 -14.33
N SER D 108 27.87 -16.47 -15.42
N SER D 108 27.81 -16.43 -15.34
CA SER D 108 28.42 -16.17 -16.74
CA SER D 108 28.31 -16.11 -16.67
C SER D 108 29.31 -14.94 -16.74
C SER D 108 29.16 -14.85 -16.65
N ASP D 109 28.68 -13.76 -16.71
N ASP D 109 28.50 -13.69 -16.77
CA ASP D 109 29.30 -12.44 -16.83
CA ASP D 109 29.14 -12.38 -16.82
C ASP D 109 30.47 -12.41 -17.80
C ASP D 109 30.32 -12.35 -17.79
N ASP D 110 31.29 -11.36 -17.72
N ASP D 110 31.19 -11.36 -17.65
CA ASP D 110 32.48 -11.25 -18.55
CA ASP D 110 32.36 -11.24 -18.50
C ASP D 110 33.75 -11.32 -17.73
C ASP D 110 33.66 -11.32 -17.71
N PHE D 111 33.86 -10.54 -16.65
N PHE D 111 33.79 -10.56 -16.63
N PHE D 111 34.16 -9.55 -16.52
CA PHE D 111 35.06 -10.55 -15.86
CA PHE D 111 35.02 -10.57 -15.86
CA PHE D 111 35.38 -9.46 -15.71
C PHE D 111 34.74 -10.36 -14.38
C PHE D 111 34.72 -10.41 -14.38
C PHE D 111 35.05 -9.67 -14.22
N LEU D 112 35.76 -10.59 -13.57
CA LEU D 112 35.65 -10.76 -12.12
C LEU D 112 36.10 -9.50 -11.40
N GLN D 113 35.16 -8.81 -10.76
CA GLN D 113 35.47 -7.56 -10.06
C GLN D 113 36.58 -7.75 -9.03
N HIS D 114 37.62 -6.92 -9.17
CA HIS D 114 38.73 -6.82 -8.22
C HIS D 114 39.65 -8.03 -8.23
N ARG D 115 39.60 -8.89 -9.25
CA ARG D 115 40.47 -10.04 -9.23
C ARG D 115 41.92 -9.61 -9.38
N GLY D 116 42.83 -10.46 -8.92
CA GLY D 116 44.24 -10.27 -9.16
C GLY D 116 44.73 -11.12 -10.31
N HIS D 117 46.03 -11.40 -10.27
CA HIS D 117 46.76 -12.15 -11.27
C HIS D 117 46.34 -13.60 -11.36
N GLY D 118 45.76 -14.15 -10.29
CA GLY D 118 45.50 -15.56 -10.26
C GLY D 118 46.65 -16.33 -9.62
N THR D 119 46.31 -17.42 -8.94
CA THR D 119 47.30 -18.32 -8.38
C THR D 119 47.15 -19.68 -9.04
N GLN D 120 48.25 -20.21 -9.56
CA GLN D 120 48.22 -21.48 -10.31
C GLN D 120 48.31 -22.65 -9.34
N VAL D 121 47.38 -23.61 -9.49
CA VAL D 121 47.34 -24.85 -8.73
C VAL D 121 47.52 -25.96 -9.74
N THR D 122 48.53 -26.80 -9.55
CA THR D 122 48.80 -27.93 -10.44
C THR D 122 48.83 -29.19 -9.59
N VAL D 123 47.91 -30.11 -9.83
CA VAL D 123 47.79 -31.34 -9.08
C VAL D 123 48.27 -32.46 -9.99
N SER D 124 49.38 -33.10 -9.64
CA SER D 124 49.97 -34.11 -10.51
C SER D 124 50.85 -35.05 -9.70
N SER D 125 51.00 -36.27 -10.23
CA SER D 125 51.89 -37.26 -9.62
C SER D 125 53.34 -36.78 -9.52
N ALA D 126 53.72 -35.76 -10.28
CA ALA D 126 55.07 -35.19 -10.22
C ALA D 126 55.44 -34.69 -8.83
ZN ZN E . -27.90 11.83 11.17
ZN ZN F . 4.38 -3.89 -4.26
#